data_7X5N
#
_entry.id   7X5N
#
_cell.length_a   119.350
_cell.length_b   119.350
_cell.length_c   162.588
_cell.angle_alpha   90.000
_cell.angle_beta   90.000
_cell.angle_gamma   90.000
#
_symmetry.space_group_name_H-M   'P 41 21 2'
#
loop_
_entity.id
_entity.type
_entity.pdbx_description
1 polymer 'Serine hydroxymethyltransferase'
2 non-polymer (4R)-6-azanyl-4-[3-(hydroxymethyl)-5-phenyl-phenyl]-3-methyl-4-propan-2-yl-1H-pyrano[2,3-c]pyrazole-5-carbonitrile
3 non-polymer [3-HYDROXY-2-METHYL-5-PHOSPHONOOXYMETHYL-PYRIDIN-4-YLMETHYL]-SERINE
4 water water
#
_entity_poly.entity_id   1
_entity_poly.type   'polypeptide(L)'
_entity_poly.pdbx_seq_one_letter_code
;GPGVVDYKTFDPDLWAAIAKEEERQEHNLELIASENFVSEAVMAAQGSILTNKYAEGYPGHRYYGGCEFVDIVENLAIDR
AKELFGAKFANVQPHSGSQANTAAYLALVEPGDTILGMDLSAGGHLTHGSPVNFSGKTYHFVAYGVDPTTEVIDYNVVRI
LARKHQPKLIVAGASAYGRTIDFAKFREIADEVGAKLMVDMAHIAGLVAAGLHPNPVPYADITTTTTHKTLRGPRGGMIL
TNDEALAKKINSAVFPGIQGGPLEHVIAGKAVAFKEALDPAFKEYSEQIIANAKAMVKVFNQAIGTRVISGATDNHLMLI
DVRELGINGKEAESILDSVNITVNKNSIPFETLSPFKTSGIRIGTPAITTRGFKEEDAVKVAELVVKALQAKDDNAQLDE
VKTGVRELTEKFPLHKK
;
_entity_poly.pdbx_strand_id   A,B
#
loop_
_chem_comp.id
_chem_comp.type
_chem_comp.name
_chem_comp.formula
5M5 non-polymer (4R)-6-azanyl-4-[3-(hydroxymethyl)-5-phenyl-phenyl]-3-methyl-4-propan-2-yl-1H-pyrano[2,3-c]pyrazole-5-carbonitrile 'C24 H24 N4 O2'
PLS non-polymer [3-HYDROXY-2-METHYL-5-PHOSPHONOOXYMETHYL-PYRIDIN-4-YLMETHYL]-SERINE 'C11 H17 N2 O8 P'
#
# COMPACT_ATOMS: atom_id res chain seq x y z
N ASP A 6 18.14 -20.88 6.24
CA ASP A 6 19.48 -20.40 6.58
C ASP A 6 19.48 -18.89 6.81
N TYR A 7 18.85 -18.14 5.90
CA TYR A 7 18.57 -16.73 6.19
C TYR A 7 17.63 -16.58 7.37
N LYS A 8 16.95 -17.66 7.77
CA LYS A 8 16.06 -17.66 8.93
C LYS A 8 16.78 -17.68 10.25
N THR A 9 18.05 -18.09 10.28
CA THR A 9 18.75 -18.26 11.56
C THR A 9 18.95 -16.94 12.28
N PHE A 10 19.16 -15.85 11.52
CA PHE A 10 19.37 -14.54 12.11
C PHE A 10 18.17 -14.06 12.92
N ASP A 11 16.96 -14.44 12.50
CA ASP A 11 15.72 -13.93 13.11
C ASP A 11 14.79 -15.08 13.41
N PRO A 12 15.11 -15.90 14.41
CA PRO A 12 14.27 -17.07 14.68
C PRO A 12 12.87 -16.72 15.14
N ASP A 13 12.68 -15.60 15.85
CA ASP A 13 11.35 -15.26 16.36
C ASP A 13 10.37 -14.95 15.22
N LEU A 14 10.82 -14.19 14.22
CA LEU A 14 9.91 -13.83 13.13
C LEU A 14 9.51 -15.05 12.31
N TRP A 15 10.49 -15.88 11.95
CA TRP A 15 10.19 -17.03 11.11
C TRP A 15 9.40 -18.09 11.85
N ALA A 16 9.54 -18.18 13.18
CA ALA A 16 8.69 -19.09 13.93
C ALA A 16 7.23 -18.65 13.86
N ALA A 17 6.98 -17.34 14.02
CA ALA A 17 5.63 -16.81 13.93
C ALA A 17 5.02 -17.08 12.56
N ILE A 18 5.78 -16.88 11.50
CA ILE A 18 5.27 -17.17 10.16
C ILE A 18 5.03 -18.67 10.01
N ALA A 19 5.91 -19.49 10.59
CA ALA A 19 5.71 -20.94 10.54
C ALA A 19 4.38 -21.34 11.18
N LYS A 20 4.07 -20.77 12.34
CA LYS A 20 2.80 -21.09 12.98
C LYS A 20 1.62 -20.56 12.17
N GLU A 21 1.79 -19.44 11.47
CA GLU A 21 0.72 -18.95 10.61
C GLU A 21 0.48 -19.90 9.44
N GLU A 22 1.54 -20.51 8.91
CA GLU A 22 1.36 -21.51 7.86
C GLU A 22 0.55 -22.69 8.37
N GLU A 23 0.85 -23.16 9.58
CA GLU A 23 0.11 -24.27 10.15
C GLU A 23 -1.32 -23.85 10.47
N ARG A 24 -1.53 -22.62 10.93
CA ARG A 24 -2.89 -22.16 11.22
C ARG A 24 -3.76 -22.16 9.97
N GLN A 25 -3.23 -21.66 8.84
CA GLN A 25 -3.99 -21.67 7.59
C GLN A 25 -4.28 -23.10 7.13
N GLU A 26 -3.40 -24.04 7.46
CA GLU A 26 -3.59 -25.43 7.08
C GLU A 26 -4.70 -26.08 7.90
N HIS A 27 -4.71 -25.86 9.22
CA HIS A 27 -5.56 -26.60 10.15
C HIS A 27 -6.92 -25.96 10.39
N ASN A 28 -7.12 -24.70 10.01
CA ASN A 28 -8.39 -24.03 10.23
C ASN A 28 -9.18 -23.95 8.93
N LEU A 29 -10.51 -23.90 9.07
CA LEU A 29 -11.41 -23.64 7.95
C LEU A 29 -11.61 -22.13 7.85
N GLU A 30 -11.08 -21.52 6.79
CA GLU A 30 -11.16 -20.07 6.64
C GLU A 30 -12.45 -19.74 5.90
N LEU A 31 -13.43 -19.23 6.62
CA LEU A 31 -14.71 -18.84 6.02
C LEU A 31 -14.86 -17.32 5.93
N ILE A 32 -13.79 -16.57 6.12
CA ILE A 32 -13.88 -15.11 5.96
C ILE A 32 -14.09 -14.80 4.49
N ALA A 33 -15.23 -14.17 4.17
CA ALA A 33 -15.66 -14.00 2.77
C ALA A 33 -14.68 -13.20 1.94
N SER A 34 -13.86 -12.35 2.58
CA SER A 34 -12.92 -11.48 1.89
C SER A 34 -11.53 -12.09 1.72
N GLU A 35 -11.34 -13.37 2.06
CA GLU A 35 -10.03 -13.97 2.00
C GLU A 35 -9.98 -15.07 0.95
N ASN A 36 -8.77 -15.51 0.64
CA ASN A 36 -8.52 -16.51 -0.39
C ASN A 36 -7.12 -17.06 -0.18
N PHE A 37 -6.66 -17.93 -1.08
CA PHE A 37 -5.28 -18.42 -1.07
C PHE A 37 -4.68 -18.16 -2.46
N VAL A 38 -3.65 -17.33 -2.52
CA VAL A 38 -3.05 -17.02 -3.81
C VAL A 38 -2.15 -18.17 -4.26
N SER A 39 -1.85 -18.20 -5.54
CA SER A 39 -0.98 -19.22 -6.11
C SER A 39 0.47 -19.00 -5.69
N GLU A 40 1.28 -20.04 -5.93
CA GLU A 40 2.71 -19.95 -5.74
C GLU A 40 3.31 -18.82 -6.58
N ALA A 41 2.80 -18.63 -7.81
CA ALA A 41 3.34 -17.62 -8.70
C ALA A 41 3.04 -16.21 -8.20
N VAL A 42 1.87 -15.99 -7.60
CA VAL A 42 1.57 -14.67 -7.04
C VAL A 42 2.53 -14.34 -5.91
N MET A 43 2.80 -15.32 -5.04
CA MET A 43 3.68 -15.07 -3.91
C MET A 43 5.11 -14.85 -4.37
N ALA A 44 5.55 -15.59 -5.40
CA ALA A 44 6.89 -15.42 -5.94
C ALA A 44 7.09 -14.04 -6.55
N ALA A 45 6.06 -13.50 -7.21
CA ALA A 45 6.13 -12.16 -7.76
C ALA A 45 6.28 -11.14 -6.63
N GLN A 46 5.49 -11.30 -5.58
CA GLN A 46 5.58 -10.41 -4.43
C GLN A 46 6.91 -10.57 -3.71
N GLY A 47 7.53 -11.74 -3.82
CA GLY A 47 8.84 -11.95 -3.22
C GLY A 47 10.00 -11.64 -4.15
N SER A 48 9.75 -10.92 -5.24
CA SER A 48 10.75 -10.69 -6.28
C SER A 48 11.55 -9.43 -5.99
N ILE A 49 12.61 -9.21 -6.78
CA ILE A 49 13.43 -8.01 -6.61
C ILE A 49 12.73 -6.75 -7.12
N LEU A 50 11.49 -6.87 -7.62
CA LEU A 50 10.75 -5.68 -8.04
C LEU A 50 10.51 -4.74 -6.88
N THR A 51 10.61 -5.25 -5.64
CA THR A 51 10.48 -4.36 -4.48
C THR A 51 11.57 -3.30 -4.44
N ASN A 52 12.70 -3.49 -5.13
CA ASN A 52 13.80 -2.54 -5.08
C ASN A 52 13.61 -1.32 -6.00
N LYS A 53 12.61 -1.31 -6.88
CA LYS A 53 12.53 -0.30 -7.93
C LYS A 53 11.56 0.82 -7.54
N TYR A 54 12.05 2.06 -7.52
CA TYR A 54 11.17 3.22 -7.49
C TYR A 54 10.67 3.50 -8.90
N ALA A 55 9.35 3.63 -9.06
CA ALA A 55 8.81 3.79 -10.41
C ALA A 55 7.63 4.76 -10.41
N GLU A 56 7.76 5.89 -9.72
CA GLU A 56 6.66 6.85 -9.71
C GLU A 56 6.38 7.32 -11.14
N GLY A 57 5.12 7.67 -11.39
CA GLY A 57 4.67 7.96 -12.73
C GLY A 57 4.00 6.74 -13.32
N TYR A 58 3.87 6.73 -14.64
CA TYR A 58 3.18 5.70 -15.38
C TYR A 58 4.08 5.17 -16.49
N PRO A 59 3.79 3.98 -17.02
CA PRO A 59 4.72 3.35 -17.97
C PRO A 59 5.04 4.27 -19.14
N GLY A 60 6.33 4.39 -19.45
CA GLY A 60 6.79 5.30 -20.48
C GLY A 60 6.92 6.75 -20.02
N HIS A 61 6.43 7.09 -18.83
CA HIS A 61 6.50 8.45 -18.31
C HIS A 61 6.83 8.39 -16.83
N ARG A 62 7.94 7.74 -16.50
CA ARG A 62 8.37 7.58 -15.13
C ARG A 62 9.27 8.75 -14.71
N TYR A 63 9.35 8.97 -13.41
CA TYR A 63 10.17 10.04 -12.84
C TYR A 63 11.57 9.56 -12.46
N TYR A 64 11.91 8.32 -12.78
CA TYR A 64 13.20 7.73 -12.44
C TYR A 64 13.75 7.01 -13.65
N GLY A 65 15.06 6.82 -13.67
CA GLY A 65 15.66 5.97 -14.67
C GLY A 65 15.42 4.50 -14.38
N GLY A 66 15.71 3.67 -15.37
CA GLY A 66 15.80 2.23 -15.16
C GLY A 66 14.49 1.47 -15.19
N CYS A 67 13.40 2.07 -15.66
CA CYS A 67 12.10 1.43 -15.51
C CYS A 67 11.64 0.67 -16.73
N GLU A 68 12.50 0.47 -17.74
N GLU A 68 12.54 0.47 -17.71
CA GLU A 68 11.96 -0.03 -18.99
CA GLU A 68 12.13 -0.07 -19.00
C GLU A 68 11.45 -1.47 -18.88
C GLU A 68 11.47 -1.44 -18.86
N PHE A 69 11.98 -2.28 -17.95
CA PHE A 69 11.45 -3.64 -17.82
C PHE A 69 10.34 -3.73 -16.79
N VAL A 70 10.39 -2.89 -15.76
CA VAL A 70 9.26 -2.77 -14.84
C VAL A 70 8.01 -2.32 -15.57
N ASP A 71 8.16 -1.45 -16.59
CA ASP A 71 7.02 -0.97 -17.36
C ASP A 71 6.31 -2.12 -18.08
N ILE A 72 7.05 -3.16 -18.47
CA ILE A 72 6.40 -4.34 -19.08
C ILE A 72 5.46 -4.97 -18.08
N VAL A 73 5.92 -5.12 -16.83
CA VAL A 73 5.13 -5.75 -15.79
C VAL A 73 3.85 -4.95 -15.56
N GLU A 74 3.96 -3.63 -15.39
CA GLU A 74 2.77 -2.82 -15.17
C GLU A 74 1.85 -2.80 -16.40
N ASN A 75 2.43 -2.79 -17.61
CA ASN A 75 1.58 -2.82 -18.80
C ASN A 75 0.79 -4.12 -18.89
N LEU A 76 1.42 -5.24 -18.49
CA LEU A 76 0.72 -6.52 -18.45
C LEU A 76 -0.46 -6.48 -17.50
N ALA A 77 -0.23 -5.98 -16.28
CA ALA A 77 -1.33 -5.84 -15.33
C ALA A 77 -2.44 -4.94 -15.87
N ILE A 78 -2.07 -3.79 -16.44
CA ILE A 78 -3.08 -2.88 -17.00
C ILE A 78 -3.86 -3.56 -18.12
N ASP A 79 -3.13 -4.17 -19.07
CA ASP A 79 -3.80 -4.69 -20.26
C ASP A 79 -4.61 -5.93 -19.95
N ARG A 80 -4.14 -6.76 -19.02
CA ARG A 80 -4.95 -7.91 -18.62
C ARG A 80 -6.20 -7.48 -17.88
N ALA A 81 -6.13 -6.39 -17.12
CA ALA A 81 -7.36 -5.88 -16.50
C ALA A 81 -8.37 -5.46 -17.55
N LYS A 82 -7.90 -4.80 -18.62
CA LYS A 82 -8.81 -4.41 -19.69
C LYS A 82 -9.39 -5.64 -20.39
N GLU A 83 -8.58 -6.69 -20.56
CA GLU A 83 -9.09 -7.92 -21.16
C GLU A 83 -10.10 -8.62 -20.27
N LEU A 84 -9.87 -8.61 -18.96
CA LEU A 84 -10.76 -9.31 -18.03
C LEU A 84 -12.09 -8.60 -17.90
N PHE A 85 -12.06 -7.27 -17.78
CA PHE A 85 -13.27 -6.52 -17.46
C PHE A 85 -13.82 -5.68 -18.59
N GLY A 86 -13.11 -5.58 -19.71
CA GLY A 86 -13.64 -4.83 -20.83
C GLY A 86 -13.52 -3.33 -20.68
N ALA A 87 -12.87 -2.85 -19.61
CA ALA A 87 -12.66 -1.42 -19.46
C ALA A 87 -11.64 -0.93 -20.48
N LYS A 88 -11.85 0.30 -20.96
CA LYS A 88 -10.88 0.89 -21.87
C LYS A 88 -9.66 1.45 -21.16
N PHE A 89 -9.76 1.71 -19.85
CA PHE A 89 -8.67 2.32 -19.08
C PHE A 89 -8.59 1.63 -17.73
N ALA A 90 -7.37 1.41 -17.25
CA ALA A 90 -7.18 0.75 -15.96
C ALA A 90 -6.01 1.40 -15.24
N ASN A 91 -6.11 1.52 -13.92
CA ASN A 91 -4.99 1.97 -13.09
C ASN A 91 -4.76 0.91 -12.03
N VAL A 92 -3.54 0.34 -12.00
CA VAL A 92 -3.26 -0.81 -11.15
C VAL A 92 -2.34 -0.43 -9.98
N GLN A 93 -2.07 0.87 -9.78
CA GLN A 93 -1.19 1.31 -8.71
C GLN A 93 -1.82 1.42 -7.32
N PRO A 94 -3.14 1.55 -7.13
CA PRO A 94 -3.65 1.70 -5.75
C PRO A 94 -3.13 0.60 -4.83
N HIS A 95 -2.58 1.01 -3.68
CA HIS A 95 -2.05 0.10 -2.67
C HIS A 95 -3.12 -0.79 -2.06
N SER A 96 -4.39 -0.44 -2.17
CA SER A 96 -5.46 -1.13 -1.46
C SER A 96 -6.80 -0.69 -2.06
N GLY A 97 -7.86 -1.39 -1.66
CA GLY A 97 -9.19 -0.94 -2.04
C GLY A 97 -9.53 0.42 -1.48
N SER A 98 -9.05 0.71 -0.26
CA SER A 98 -9.28 2.03 0.33
C SER A 98 -8.64 3.14 -0.47
N GLN A 99 -7.39 2.94 -0.92
CA GLN A 99 -6.74 3.96 -1.74
C GLN A 99 -7.42 4.08 -3.10
N ALA A 100 -7.88 2.94 -3.65
CA ALA A 100 -8.60 3.00 -4.92
C ALA A 100 -9.86 3.84 -4.78
N ASN A 101 -10.60 3.66 -3.69
CA ASN A 101 -11.83 4.41 -3.49
C ASN A 101 -11.53 5.87 -3.20
N THR A 102 -10.46 6.14 -2.44
CA THR A 102 -10.04 7.52 -2.21
C THR A 102 -9.82 8.25 -3.52
N ALA A 103 -9.05 7.66 -4.43
CA ALA A 103 -8.77 8.29 -5.72
C ALA A 103 -10.03 8.39 -6.59
N ALA A 104 -10.89 7.38 -6.55
CA ALA A 104 -12.12 7.43 -7.33
C ALA A 104 -12.96 8.64 -6.94
N TYR A 105 -13.12 8.87 -5.64
CA TYR A 105 -13.88 10.04 -5.19
C TYR A 105 -13.23 11.33 -5.65
N LEU A 106 -11.90 11.43 -5.55
CA LEU A 106 -11.21 12.65 -5.96
C LEU A 106 -11.45 12.93 -7.43
N ALA A 107 -11.56 11.89 -8.25
CA ALA A 107 -11.82 12.08 -9.66
C ALA A 107 -13.27 12.45 -9.96
N LEU A 108 -14.19 12.28 -9.00
CA LEU A 108 -15.62 12.42 -9.28
C LEU A 108 -16.29 13.58 -8.57
N VAL A 109 -15.89 13.89 -7.33
CA VAL A 109 -16.60 14.89 -6.53
C VAL A 109 -15.58 15.81 -5.84
N GLU A 110 -16.11 16.83 -5.15
CA GLU A 110 -15.36 17.79 -4.33
C GLU A 110 -15.61 17.52 -2.86
N PRO A 111 -14.66 17.87 -1.97
CA PRO A 111 -14.93 17.75 -0.53
C PRO A 111 -16.25 18.41 -0.17
N GLY A 112 -17.02 17.75 0.69
CA GLY A 112 -18.30 18.27 1.11
C GLY A 112 -19.49 17.89 0.25
N ASP A 113 -19.26 17.40 -0.97
CA ASP A 113 -20.36 17.04 -1.87
C ASP A 113 -21.19 15.91 -1.29
N THR A 114 -22.46 15.87 -1.71
CA THR A 114 -23.38 14.86 -1.22
C THR A 114 -23.22 13.56 -2.01
N ILE A 115 -23.04 12.45 -1.30
CA ILE A 115 -22.82 11.15 -1.91
C ILE A 115 -23.78 10.17 -1.27
N LEU A 116 -24.41 9.34 -2.10
CA LEU A 116 -25.33 8.32 -1.63
C LEU A 116 -24.62 6.96 -1.71
N GLY A 117 -24.46 6.30 -0.56
CA GLY A 117 -23.78 5.03 -0.50
C GLY A 117 -24.47 4.08 0.47
N MET A 118 -24.11 2.80 0.38
CA MET A 118 -24.80 1.78 1.14
C MET A 118 -24.41 1.81 2.62
N ASP A 119 -25.42 1.91 3.48
CA ASP A 119 -25.24 1.88 4.92
C ASP A 119 -24.40 0.67 5.36
N LEU A 120 -23.54 0.89 6.36
CA LEU A 120 -22.63 -0.18 6.79
C LEU A 120 -23.39 -1.37 7.36
N SER A 121 -24.39 -1.12 8.21
CA SER A 121 -25.17 -2.22 8.78
C SER A 121 -25.90 -3.02 7.71
N ALA A 122 -26.38 -2.35 6.66
CA ALA A 122 -27.05 -3.00 5.56
C ALA A 122 -26.11 -3.78 4.67
N GLY A 123 -24.79 -3.55 4.76
CA GLY A 123 -23.83 -4.34 4.01
C GLY A 123 -22.74 -3.56 3.31
N GLY A 124 -22.80 -2.24 3.39
CA GLY A 124 -21.82 -1.41 2.71
C GLY A 124 -20.45 -1.51 3.37
N HIS A 125 -19.45 -0.99 2.68
CA HIS A 125 -18.10 -0.95 3.22
C HIS A 125 -17.88 0.34 4.02
N LEU A 126 -16.89 0.29 4.92
CA LEU A 126 -16.52 1.48 5.68
C LEU A 126 -16.22 2.66 4.77
N THR A 127 -15.61 2.40 3.61
CA THR A 127 -15.27 3.50 2.71
C THR A 127 -16.45 3.98 1.87
N HIS A 128 -17.67 3.47 2.13
CA HIS A 128 -18.86 3.93 1.45
C HIS A 128 -19.68 4.90 2.31
N GLY A 129 -19.03 5.57 3.26
CA GLY A 129 -19.66 6.68 3.94
C GLY A 129 -19.63 6.64 5.45
N SER A 130 -18.87 5.74 6.05
CA SER A 130 -18.85 5.67 7.50
C SER A 130 -18.21 6.93 8.11
N PRO A 131 -18.77 7.44 9.21
CA PRO A 131 -18.21 8.67 9.81
C PRO A 131 -16.85 8.50 10.46
N VAL A 132 -16.39 7.26 10.71
CA VAL A 132 -15.04 7.07 11.25
C VAL A 132 -14.00 6.91 10.15
N ASN A 133 -14.41 6.94 8.88
CA ASN A 133 -13.58 6.73 7.72
C ASN A 133 -13.39 8.05 6.98
N PHE A 134 -12.35 8.13 6.13
CA PHE A 134 -12.17 9.34 5.33
C PHE A 134 -13.41 9.68 4.51
N SER A 135 -14.16 8.66 4.08
CA SER A 135 -15.31 8.90 3.20
C SER A 135 -16.36 9.76 3.92
N GLY A 136 -16.80 9.33 5.09
CA GLY A 136 -17.77 10.11 5.84
C GLY A 136 -17.24 11.42 6.38
N LYS A 137 -15.92 11.50 6.62
CA LYS A 137 -15.33 12.73 7.13
C LYS A 137 -15.19 13.80 6.06
N THR A 138 -14.99 13.39 4.82
CA THR A 138 -14.64 14.31 3.73
C THR A 138 -15.82 14.73 2.89
N TYR A 139 -16.82 13.87 2.77
CA TYR A 139 -17.98 14.11 1.93
C TYR A 139 -19.22 13.99 2.78
N HIS A 140 -20.32 14.53 2.28
CA HIS A 140 -21.59 14.47 2.98
C HIS A 140 -22.30 13.22 2.52
N PHE A 141 -22.15 12.13 3.27
CA PHE A 141 -22.74 10.89 2.83
C PHE A 141 -24.17 10.75 3.35
N VAL A 142 -25.01 10.20 2.49
CA VAL A 142 -26.35 9.77 2.84
C VAL A 142 -26.44 8.29 2.53
N ALA A 143 -27.02 7.53 3.43
CA ALA A 143 -27.02 6.08 3.32
C ALA A 143 -28.34 5.57 2.75
N TYR A 144 -28.26 4.54 1.93
CA TYR A 144 -29.41 3.70 1.62
C TYR A 144 -29.16 2.34 2.23
N GLY A 145 -30.22 1.58 2.40
CA GLY A 145 -30.13 0.30 3.06
C GLY A 145 -30.85 -0.78 2.28
N VAL A 146 -31.36 -1.76 3.03
CA VAL A 146 -32.18 -2.83 2.47
C VAL A 146 -33.56 -2.75 3.11
N ASP A 147 -34.49 -3.49 2.52
CA ASP A 147 -35.84 -3.55 3.05
C ASP A 147 -35.85 -4.35 4.37
N PRO A 148 -36.60 -3.90 5.38
CA PRO A 148 -36.56 -4.62 6.67
C PRO A 148 -37.03 -6.06 6.59
N THR A 149 -38.00 -6.38 5.72
CA THR A 149 -38.53 -7.73 5.70
C THR A 149 -37.82 -8.61 4.66
N THR A 150 -37.56 -8.09 3.46
CA THR A 150 -36.87 -8.89 2.45
C THR A 150 -35.35 -8.81 2.53
N GLU A 151 -34.82 -7.79 3.21
CA GLU A 151 -33.38 -7.58 3.38
C GLU A 151 -32.62 -7.51 2.05
N VAL A 152 -33.31 -7.10 0.98
CA VAL A 152 -32.64 -6.80 -0.27
C VAL A 152 -32.83 -5.32 -0.59
N ILE A 153 -32.02 -4.82 -1.52
CA ILE A 153 -32.13 -3.43 -1.93
C ILE A 153 -33.48 -3.18 -2.58
N ASP A 154 -34.13 -2.10 -2.16
CA ASP A 154 -35.40 -1.67 -2.74
C ASP A 154 -35.07 -0.47 -3.61
N TYR A 155 -35.07 -0.67 -4.93
CA TYR A 155 -34.59 0.39 -5.81
C TYR A 155 -35.56 1.58 -5.88
N ASN A 156 -36.84 1.38 -5.60
CA ASN A 156 -37.74 2.53 -5.52
C ASN A 156 -37.39 3.42 -4.34
N VAL A 157 -36.98 2.81 -3.22
CA VAL A 157 -36.54 3.59 -2.05
C VAL A 157 -35.25 4.33 -2.36
N VAL A 158 -34.30 3.66 -3.04
CA VAL A 158 -33.08 4.35 -3.47
C VAL A 158 -33.42 5.55 -4.35
N ARG A 159 -34.39 5.37 -5.26
CA ARG A 159 -34.80 6.47 -6.14
C ARG A 159 -35.35 7.64 -5.32
N ILE A 160 -36.27 7.35 -4.39
CA ILE A 160 -36.80 8.38 -3.51
C ILE A 160 -35.68 9.13 -2.81
N LEU A 161 -34.73 8.37 -2.24
CA LEU A 161 -33.60 8.98 -1.54
C LEU A 161 -32.80 9.89 -2.44
N ALA A 162 -32.49 9.42 -3.66
CA ALA A 162 -31.71 10.22 -4.58
C ALA A 162 -32.43 11.52 -4.93
N ARG A 163 -33.73 11.45 -5.17
CA ARG A 163 -34.47 12.66 -5.53
C ARG A 163 -34.53 13.62 -4.35
N LYS A 164 -34.66 13.08 -3.14
CA LYS A 164 -34.71 13.92 -1.95
C LYS A 164 -33.38 14.64 -1.71
N HIS A 165 -32.27 13.93 -1.84
CA HIS A 165 -30.96 14.44 -1.43
C HIS A 165 -30.16 15.05 -2.57
N GLN A 166 -30.49 14.77 -3.82
CA GLN A 166 -29.77 15.30 -4.97
C GLN A 166 -28.26 15.06 -4.85
N PRO A 167 -27.82 13.82 -4.72
CA PRO A 167 -26.37 13.56 -4.60
C PRO A 167 -25.63 13.88 -5.89
N LYS A 168 -24.37 14.28 -5.74
CA LYS A 168 -23.47 14.36 -6.90
C LYS A 168 -23.04 12.99 -7.37
N LEU A 169 -23.04 12.01 -6.48
CA LEU A 169 -22.50 10.69 -6.74
C LEU A 169 -23.33 9.65 -6.01
N ILE A 170 -23.58 8.54 -6.67
CA ILE A 170 -24.13 7.36 -6.03
C ILE A 170 -23.09 6.26 -6.08
N VAL A 171 -22.86 5.60 -4.95
CA VAL A 171 -21.94 4.49 -4.84
C VAL A 171 -22.73 3.20 -4.66
N ALA A 172 -22.45 2.20 -5.49
CA ALA A 172 -23.02 0.86 -5.36
C ALA A 172 -21.89 -0.13 -5.11
N GLY A 173 -22.23 -1.21 -4.41
CA GLY A 173 -21.27 -2.21 -4.00
C GLY A 173 -21.30 -2.43 -2.50
N ALA A 174 -20.72 -3.53 -2.03
CA ALA A 174 -20.96 -3.92 -0.65
C ALA A 174 -19.88 -4.88 -0.19
N SER A 175 -19.76 -5.00 1.13
CA SER A 175 -18.91 -6.00 1.75
C SER A 175 -19.68 -7.19 2.29
N ALA A 176 -20.96 -7.02 2.63
CA ALA A 176 -21.72 -8.10 3.27
C ALA A 176 -23.14 -8.16 2.71
N TYR A 177 -23.24 -8.13 1.38
CA TYR A 177 -24.51 -8.23 0.68
C TYR A 177 -24.44 -9.42 -0.27
N GLY A 178 -25.26 -10.43 -0.03
CA GLY A 178 -25.20 -11.66 -0.79
C GLY A 178 -26.06 -11.75 -2.02
N ARG A 179 -26.72 -10.69 -2.45
CA ARG A 179 -27.63 -10.77 -3.59
C ARG A 179 -27.11 -9.97 -4.78
N THR A 180 -27.63 -10.30 -5.95
CA THR A 180 -27.25 -9.62 -7.19
C THR A 180 -27.54 -8.13 -7.08
N ILE A 181 -26.55 -7.30 -7.37
CA ILE A 181 -26.75 -5.85 -7.42
C ILE A 181 -27.09 -5.46 -8.85
N ASP A 182 -28.20 -4.73 -9.01
CA ASP A 182 -28.72 -4.32 -10.31
C ASP A 182 -28.08 -2.99 -10.69
N PHE A 183 -26.96 -3.06 -11.42
CA PHE A 183 -26.25 -1.83 -11.75
C PHE A 183 -27.04 -0.98 -12.75
N ALA A 184 -27.78 -1.63 -13.65
CA ALA A 184 -28.62 -0.91 -14.59
C ALA A 184 -29.61 -0.01 -13.88
N LYS A 185 -30.20 -0.49 -12.77
CA LYS A 185 -31.14 0.36 -12.03
C LYS A 185 -30.41 1.48 -11.32
N PHE A 186 -29.22 1.21 -10.77
CA PHE A 186 -28.44 2.28 -10.16
C PHE A 186 -28.12 3.37 -11.17
N ARG A 187 -27.78 2.97 -12.40
CA ARG A 187 -27.48 3.97 -13.42
C ARG A 187 -28.73 4.76 -13.83
N GLU A 188 -29.88 4.09 -13.88
CA GLU A 188 -31.13 4.79 -14.18
C GLU A 188 -31.40 5.87 -13.14
N ILE A 189 -31.24 5.52 -11.86
CA ILE A 189 -31.48 6.46 -10.77
C ILE A 189 -30.49 7.62 -10.82
N ALA A 190 -29.20 7.32 -11.01
CA ALA A 190 -28.22 8.39 -11.05
C ALA A 190 -28.52 9.35 -12.21
N ASP A 191 -28.85 8.81 -13.38
CA ASP A 191 -29.22 9.66 -14.51
C ASP A 191 -30.42 10.53 -14.19
N GLU A 192 -31.42 9.95 -13.53
CA GLU A 192 -32.62 10.69 -13.20
C GLU A 192 -32.32 11.95 -12.40
N VAL A 193 -31.36 11.89 -11.47
CA VAL A 193 -31.07 13.01 -10.59
C VAL A 193 -29.79 13.74 -10.96
N GLY A 194 -29.18 13.41 -12.07
CA GLY A 194 -27.97 14.11 -12.49
C GLY A 194 -26.73 13.73 -11.74
N ALA A 195 -26.71 12.56 -11.11
CA ALA A 195 -25.55 12.12 -10.35
C ALA A 195 -24.69 11.19 -11.19
N LYS A 196 -23.42 11.12 -10.82
CA LYS A 196 -22.54 10.12 -11.40
C LYS A 196 -22.69 8.81 -10.64
N LEU A 197 -22.15 7.73 -11.20
CA LEU A 197 -22.27 6.41 -10.61
C LEU A 197 -20.87 5.81 -10.42
N MET A 198 -20.57 5.39 -9.21
CA MET A 198 -19.35 4.65 -8.91
C MET A 198 -19.72 3.29 -8.35
N VAL A 199 -19.09 2.23 -8.86
CA VAL A 199 -19.31 0.89 -8.37
C VAL A 199 -18.01 0.35 -7.77
N ASP A 200 -18.11 -0.14 -6.54
CA ASP A 200 -17.01 -0.81 -5.87
C ASP A 200 -17.32 -2.30 -5.94
N MET A 201 -16.68 -3.01 -6.87
CA MET A 201 -16.97 -4.43 -7.06
C MET A 201 -15.96 -5.33 -6.35
N ALA A 202 -15.27 -4.83 -5.33
CA ALA A 202 -14.16 -5.56 -4.70
C ALA A 202 -14.54 -7.00 -4.37
N HIS A 203 -15.69 -7.20 -3.72
CA HIS A 203 -16.03 -8.57 -3.31
C HIS A 203 -16.38 -9.48 -4.49
N ILE A 204 -17.00 -8.96 -5.55
CA ILE A 204 -17.54 -9.80 -6.62
C ILE A 204 -16.70 -9.75 -7.88
N ALA A 205 -15.53 -9.10 -7.84
CA ALA A 205 -14.73 -8.90 -9.04
C ALA A 205 -14.42 -10.21 -9.76
N GLY A 206 -14.07 -11.26 -9.01
CA GLY A 206 -13.83 -12.55 -9.66
C GLY A 206 -15.06 -13.12 -10.32
N LEU A 207 -16.21 -13.02 -9.66
CA LEU A 207 -17.47 -13.46 -10.27
C LEU A 207 -17.78 -12.65 -11.52
N VAL A 208 -17.55 -11.34 -11.47
CA VAL A 208 -17.75 -10.50 -12.65
C VAL A 208 -16.83 -10.97 -13.78
N ALA A 209 -15.55 -11.18 -13.47
CA ALA A 209 -14.60 -11.63 -14.47
C ALA A 209 -15.03 -12.95 -15.12
N ALA A 210 -15.72 -13.81 -14.38
CA ALA A 210 -16.16 -15.10 -14.89
C ALA A 210 -17.53 -15.05 -15.57
N GLY A 211 -18.17 -13.88 -15.62
CA GLY A 211 -19.49 -13.79 -16.22
C GLY A 211 -20.63 -14.25 -15.33
N LEU A 212 -20.42 -14.36 -14.01
CA LEU A 212 -21.41 -14.91 -13.10
C LEU A 212 -22.13 -13.86 -12.27
N HIS A 213 -21.77 -12.59 -12.41
CA HIS A 213 -22.47 -11.45 -11.85
C HIS A 213 -22.46 -10.41 -12.97
N PRO A 214 -23.54 -9.66 -13.14
CA PRO A 214 -23.53 -8.62 -14.19
C PRO A 214 -22.34 -7.69 -14.02
N ASN A 215 -21.78 -7.25 -15.15
CA ASN A 215 -20.58 -6.42 -15.15
C ASN A 215 -20.95 -4.95 -14.94
N PRO A 216 -20.44 -4.29 -13.90
CA PRO A 216 -20.75 -2.87 -13.71
C PRO A 216 -20.01 -1.92 -14.62
N VAL A 217 -18.92 -2.37 -15.27
CA VAL A 217 -18.03 -1.43 -15.98
C VAL A 217 -18.76 -0.61 -17.03
N PRO A 218 -19.68 -1.18 -17.85
CA PRO A 218 -20.39 -0.34 -18.84
C PRO A 218 -21.31 0.69 -18.23
N TYR A 219 -21.75 0.50 -16.99
CA TYR A 219 -22.72 1.39 -16.38
C TYR A 219 -22.09 2.50 -15.54
N ALA A 220 -20.98 2.20 -14.86
CA ALA A 220 -20.45 3.14 -13.89
C ALA A 220 -19.48 4.09 -14.56
N ASP A 221 -19.51 5.36 -14.11
CA ASP A 221 -18.44 6.29 -14.47
C ASP A 221 -17.09 5.72 -14.10
N ILE A 222 -16.99 5.15 -12.90
CA ILE A 222 -15.73 4.57 -12.41
C ILE A 222 -16.08 3.30 -11.67
N THR A 223 -15.32 2.22 -11.95
CA THR A 223 -15.41 0.99 -11.17
C THR A 223 -14.10 0.81 -10.40
N THR A 224 -14.21 0.57 -9.10
CA THR A 224 -13.05 0.24 -8.28
C THR A 224 -13.13 -1.22 -7.85
N THR A 225 -11.99 -1.75 -7.43
CA THR A 225 -11.96 -3.10 -6.91
C THR A 225 -10.67 -3.32 -6.14
N THR A 226 -10.70 -4.33 -5.29
CA THR A 226 -9.49 -4.92 -4.75
C THR A 226 -9.12 -6.11 -5.64
N THR A 227 -7.88 -6.55 -5.50
CA THR A 227 -7.43 -7.69 -6.29
C THR A 227 -7.37 -8.99 -5.48
N HIS A 228 -7.73 -8.97 -4.19
CA HIS A 228 -7.39 -10.08 -3.31
C HIS A 228 -8.60 -10.86 -2.77
N LYS A 229 -9.81 -10.59 -3.23
CA LYS A 229 -10.94 -11.38 -2.75
C LYS A 229 -11.27 -12.48 -3.74
N THR A 230 -12.44 -12.42 -4.41
CA THR A 230 -12.76 -13.47 -5.37
C THR A 230 -11.82 -13.48 -6.58
N LEU A 231 -11.11 -12.37 -6.82
CA LEU A 231 -10.11 -12.36 -7.90
C LEU A 231 -8.87 -13.18 -7.54
N ARG A 232 -8.67 -13.49 -6.27
CA ARG A 232 -7.62 -14.41 -5.82
C ARG A 232 -6.22 -13.89 -6.20
N GLY A 233 -6.02 -12.58 -6.09
CA GLY A 233 -4.74 -11.98 -6.35
C GLY A 233 -4.11 -11.45 -5.08
N PRO A 234 -3.00 -10.72 -5.22
CA PRO A 234 -2.37 -10.12 -4.04
C PRO A 234 -3.24 -9.00 -3.49
N ARG A 235 -2.86 -8.56 -2.30
CA ARG A 235 -3.57 -7.46 -1.64
CA ARG A 235 -3.57 -7.46 -1.64
C ARG A 235 -3.25 -6.15 -2.34
N GLY A 236 -4.28 -5.45 -2.81
CA GLY A 236 -4.08 -4.20 -3.52
C GLY A 236 -5.38 -3.76 -4.16
N GLY A 237 -5.33 -2.61 -4.83
CA GLY A 237 -6.51 -2.03 -5.45
C GLY A 237 -6.35 -1.82 -6.95
N MET A 238 -7.44 -1.38 -7.56
CA MET A 238 -7.47 -1.13 -9.01
C MET A 238 -8.65 -0.22 -9.33
N ILE A 239 -8.48 0.63 -10.34
CA ILE A 239 -9.53 1.54 -10.78
C ILE A 239 -9.71 1.38 -12.28
N LEU A 240 -10.99 1.33 -12.72
CA LEU A 240 -11.36 1.13 -14.11
C LEU A 240 -12.32 2.21 -14.58
N THR A 241 -12.23 2.56 -15.86
CA THR A 241 -13.18 3.51 -16.44
C THR A 241 -13.17 3.37 -17.96
N ASN A 242 -14.24 3.86 -18.60
CA ASN A 242 -14.35 3.90 -20.05
C ASN A 242 -14.22 5.30 -20.62
N ASP A 243 -13.97 6.30 -19.79
CA ASP A 243 -13.91 7.70 -20.21
C ASP A 243 -12.46 8.17 -20.06
N GLU A 244 -11.84 8.59 -21.18
CA GLU A 244 -10.44 9.00 -21.09
C GLU A 244 -10.27 10.23 -20.23
N ALA A 245 -11.25 11.14 -20.23
CA ALA A 245 -11.15 12.30 -19.34
C ALA A 245 -11.11 11.87 -17.88
N LEU A 246 -11.92 10.87 -17.51
CA LEU A 246 -11.87 10.39 -16.14
C LEU A 246 -10.59 9.61 -15.89
N ALA A 247 -10.10 8.88 -16.89
CA ALA A 247 -8.86 8.14 -16.73
C ALA A 247 -7.71 9.06 -16.37
N LYS A 248 -7.65 10.24 -17.00
CA LYS A 248 -6.60 11.19 -16.66
C LYS A 248 -6.74 11.71 -15.23
N LYS A 249 -7.97 11.98 -14.80
CA LYS A 249 -8.16 12.44 -13.42
C LYS A 249 -7.88 11.33 -12.44
N ILE A 250 -8.26 10.10 -12.80
CA ILE A 250 -7.92 8.95 -11.96
C ILE A 250 -6.41 8.83 -11.82
N ASN A 251 -5.69 8.89 -12.94
CA ASN A 251 -4.25 8.70 -12.88
C ASN A 251 -3.58 9.79 -12.05
N SER A 252 -4.02 11.04 -12.21
CA SER A 252 -3.44 12.14 -11.44
C SER A 252 -3.79 12.03 -9.96
N ALA A 253 -4.99 11.53 -9.64
CA ALA A 253 -5.41 11.38 -8.26
C ALA A 253 -4.58 10.33 -7.54
N VAL A 254 -4.30 9.20 -8.20
CA VAL A 254 -3.47 8.18 -7.61
C VAL A 254 -2.05 8.70 -7.42
N PHE A 255 -1.48 9.29 -8.47
CA PHE A 255 -0.14 9.86 -8.35
C PHE A 255 -0.06 11.06 -9.28
N PRO A 256 0.36 12.24 -8.79
CA PRO A 256 0.93 12.53 -7.48
C PRO A 256 -0.09 12.84 -6.38
N GLY A 257 -1.37 12.60 -6.62
CA GLY A 257 -2.40 13.01 -5.68
C GLY A 257 -2.33 12.39 -4.29
N ILE A 258 -2.35 11.07 -4.16
CA ILE A 258 -2.48 10.45 -2.84
C ILE A 258 -1.42 9.39 -2.57
N GLN A 259 -0.72 8.92 -3.59
CA GLN A 259 0.34 7.94 -3.42
C GLN A 259 1.65 8.50 -3.96
N GLY A 260 2.73 7.78 -3.66
CA GLY A 260 4.02 8.04 -4.27
C GLY A 260 4.43 6.85 -5.12
N GLY A 261 5.49 6.14 -4.73
CA GLY A 261 5.94 4.99 -5.48
C GLY A 261 4.95 3.85 -5.44
N PRO A 262 4.65 3.23 -6.59
CA PRO A 262 3.81 2.02 -6.58
C PRO A 262 4.60 0.81 -6.11
N LEU A 263 3.85 -0.21 -5.69
CA LEU A 263 4.45 -1.47 -5.23
C LEU A 263 4.56 -2.41 -6.43
N GLU A 264 5.65 -2.30 -7.18
CA GLU A 264 5.69 -3.02 -8.46
C GLU A 264 5.81 -4.53 -8.29
N HIS A 265 6.35 -5.00 -7.15
CA HIS A 265 6.29 -6.43 -6.90
C HIS A 265 4.85 -6.90 -6.70
N VAL A 266 4.02 -6.09 -6.04
CA VAL A 266 2.61 -6.44 -5.90
C VAL A 266 1.89 -6.32 -7.25
N ILE A 267 2.21 -5.30 -8.04
CA ILE A 267 1.60 -5.18 -9.36
C ILE A 267 1.98 -6.37 -10.24
N ALA A 268 3.18 -6.91 -10.08
CA ALA A 268 3.51 -8.14 -10.81
C ALA A 268 2.61 -9.28 -10.36
N GLY A 269 2.33 -9.36 -9.05
CA GLY A 269 1.35 -10.33 -8.57
C GLY A 269 -0.04 -10.12 -9.15
N LYS A 270 -0.44 -8.86 -9.36
CA LYS A 270 -1.70 -8.57 -10.03
C LYS A 270 -1.70 -9.10 -11.45
N ALA A 271 -0.62 -8.83 -12.21
CA ALA A 271 -0.50 -9.36 -13.55
C ALA A 271 -0.60 -10.89 -13.58
N VAL A 272 0.07 -11.55 -12.62
CA VAL A 272 -0.01 -13.00 -12.52
C VAL A 272 -1.44 -13.45 -12.29
N ALA A 273 -2.08 -12.88 -11.28
CA ALA A 273 -3.45 -13.28 -10.97
C ALA A 273 -4.43 -12.94 -12.08
N PHE A 274 -4.22 -11.84 -12.81
CA PHE A 274 -5.13 -11.53 -13.91
C PHE A 274 -5.03 -12.58 -15.01
N LYS A 275 -3.83 -13.09 -15.30
CA LYS A 275 -3.73 -14.11 -16.32
C LYS A 275 -4.36 -15.41 -15.86
N GLU A 276 -4.22 -15.75 -14.57
CA GLU A 276 -4.90 -16.92 -14.04
C GLU A 276 -6.41 -16.77 -14.19
N ALA A 277 -6.92 -15.55 -14.02
CA ALA A 277 -8.35 -15.31 -14.15
C ALA A 277 -8.83 -15.38 -15.58
N LEU A 278 -7.93 -15.21 -16.56
CA LEU A 278 -8.31 -15.37 -17.96
C LEU A 278 -8.39 -16.83 -18.39
N ASP A 279 -7.90 -17.74 -17.60
CA ASP A 279 -7.92 -19.14 -17.96
C ASP A 279 -9.33 -19.71 -17.76
N PRO A 280 -9.80 -20.59 -18.66
CA PRO A 280 -11.14 -21.17 -18.48
C PRO A 280 -11.35 -21.85 -17.13
N ALA A 281 -10.28 -22.35 -16.51
CA ALA A 281 -10.41 -22.96 -15.18
C ALA A 281 -10.94 -21.97 -14.15
N PHE A 282 -10.71 -20.66 -14.36
CA PHE A 282 -11.18 -19.70 -13.37
C PHE A 282 -12.69 -19.61 -13.36
N LYS A 283 -13.34 -19.77 -14.52
CA LYS A 283 -14.79 -19.76 -14.57
C LYS A 283 -15.38 -20.94 -13.81
N GLU A 284 -14.74 -22.11 -13.90
CA GLU A 284 -15.18 -23.28 -13.14
C GLU A 284 -14.97 -23.06 -11.64
N TYR A 285 -13.86 -22.43 -11.27
CA TYR A 285 -13.64 -22.09 -9.87
C TYR A 285 -14.74 -21.15 -9.37
N SER A 286 -15.05 -20.13 -10.15
CA SER A 286 -16.06 -19.15 -9.76
C SER A 286 -17.46 -19.77 -9.72
N GLU A 287 -17.76 -20.68 -10.65
CA GLU A 287 -19.02 -21.42 -10.55
C GLU A 287 -19.07 -22.24 -9.26
N GLN A 288 -17.95 -22.87 -8.90
CA GLN A 288 -17.94 -23.68 -7.68
C GLN A 288 -18.13 -22.83 -6.43
N ILE A 289 -17.55 -21.63 -6.42
CA ILE A 289 -17.76 -20.70 -5.31
C ILE A 289 -19.24 -20.53 -5.02
N ILE A 290 -20.02 -20.24 -6.05
CA ILE A 290 -21.44 -19.92 -5.87
C ILE A 290 -22.25 -21.16 -5.52
N ALA A 291 -21.99 -22.27 -6.22
CA ALA A 291 -22.64 -23.53 -5.87
C ALA A 291 -22.38 -23.91 -4.42
N ASN A 292 -21.13 -23.73 -3.95
CA ASN A 292 -20.80 -24.02 -2.56
C ASN A 292 -21.53 -23.08 -1.60
N ALA A 293 -21.63 -21.80 -1.95
CA ALA A 293 -22.34 -20.86 -1.07
C ALA A 293 -23.83 -21.20 -1.01
N LYS A 294 -24.43 -21.56 -2.15
CA LYS A 294 -25.85 -21.92 -2.16
C LYS A 294 -26.09 -23.18 -1.35
N ALA A 295 -25.20 -24.18 -1.47
CA ALA A 295 -25.33 -25.40 -0.68
C ALA A 295 -25.29 -25.09 0.81
N MET A 296 -24.37 -24.21 1.24
CA MET A 296 -24.30 -23.87 2.65
C MET A 296 -25.57 -23.15 3.10
N VAL A 297 -26.06 -22.22 2.27
CA VAL A 297 -27.26 -21.45 2.60
C VAL A 297 -28.46 -22.38 2.76
N LYS A 298 -28.54 -23.45 1.98
CA LYS A 298 -29.61 -24.41 2.15
C LYS A 298 -29.58 -25.05 3.53
N VAL A 299 -28.38 -25.42 3.99
CA VAL A 299 -28.25 -26.03 5.32
C VAL A 299 -28.70 -25.04 6.40
N PHE A 300 -28.25 -23.80 6.30
CA PHE A 300 -28.61 -22.82 7.32
C PHE A 300 -30.09 -22.49 7.29
N ASN A 301 -30.70 -22.49 6.09
CA ASN A 301 -32.13 -22.23 6.00
C ASN A 301 -32.94 -23.30 6.72
N GLN A 302 -32.47 -24.53 6.72
CA GLN A 302 -33.16 -25.67 7.31
C GLN A 302 -32.73 -25.96 8.74
N ALA A 303 -31.84 -25.15 9.31
CA ALA A 303 -31.38 -25.34 10.66
C ALA A 303 -32.13 -24.43 11.62
N ILE A 304 -32.18 -24.84 12.89
CA ILE A 304 -32.88 -24.09 13.92
C ILE A 304 -31.93 -23.04 14.47
N GLY A 305 -32.23 -21.77 14.21
CA GLY A 305 -31.53 -20.67 14.86
C GLY A 305 -30.46 -19.98 14.05
N THR A 306 -30.19 -20.42 12.82
CA THR A 306 -29.23 -19.76 11.95
C THR A 306 -30.01 -19.14 10.79
N ARG A 307 -30.43 -17.89 10.97
CA ARG A 307 -31.27 -17.21 10.00
C ARG A 307 -30.40 -16.52 8.95
N VAL A 308 -30.54 -16.94 7.69
CA VAL A 308 -29.80 -16.36 6.58
C VAL A 308 -30.44 -15.03 6.18
N ILE A 309 -29.65 -13.96 6.22
CA ILE A 309 -30.16 -12.65 5.80
C ILE A 309 -30.62 -12.72 4.36
N SER A 310 -31.87 -12.31 4.12
CA SER A 310 -32.58 -12.30 2.85
C SER A 310 -32.93 -13.69 2.33
N GLY A 311 -32.58 -14.76 3.04
CA GLY A 311 -33.02 -16.10 2.72
C GLY A 311 -32.29 -16.81 1.60
N ALA A 312 -31.41 -16.14 0.87
CA ALA A 312 -30.72 -16.77 -0.26
C ALA A 312 -29.41 -16.05 -0.51
N THR A 313 -28.62 -16.61 -1.44
CA THR A 313 -27.42 -15.94 -1.91
C THR A 313 -27.31 -16.09 -3.42
N ASP A 314 -26.83 -15.04 -4.08
CA ASP A 314 -26.50 -15.07 -5.49
C ASP A 314 -25.00 -15.09 -5.72
N ASN A 315 -24.19 -14.95 -4.67
CA ASN A 315 -22.76 -14.85 -4.88
C ASN A 315 -21.99 -15.75 -3.93
N HIS A 316 -20.90 -15.24 -3.36
CA HIS A 316 -19.96 -16.06 -2.59
C HIS A 316 -20.22 -16.02 -1.09
N LEU A 317 -21.13 -15.19 -0.60
CA LEU A 317 -21.18 -14.97 0.83
C LEU A 317 -22.61 -15.04 1.34
N MET A 318 -22.73 -14.95 2.66
CA MET A 318 -23.99 -15.02 3.37
C MET A 318 -23.78 -14.41 4.73
N LEU A 319 -24.83 -13.76 5.24
CA LEU A 319 -24.89 -13.29 6.61
C LEU A 319 -25.83 -14.19 7.40
N ILE A 320 -25.43 -14.54 8.62
CA ILE A 320 -26.23 -15.38 9.50
C ILE A 320 -26.62 -14.57 10.71
N ASP A 321 -27.93 -14.40 10.91
CA ASP A 321 -28.48 -13.84 12.15
C ASP A 321 -28.51 -14.94 13.21
N VAL A 322 -27.86 -14.70 14.36
CA VAL A 322 -27.70 -15.72 15.39
C VAL A 322 -28.47 -15.39 16.66
N ARG A 323 -29.40 -14.41 16.60
CA ARG A 323 -30.05 -13.94 17.81
C ARG A 323 -30.92 -15.01 18.47
N GLU A 324 -31.52 -15.90 17.68
CA GLU A 324 -32.37 -16.93 18.27
C GLU A 324 -31.58 -17.96 19.07
N LEU A 325 -30.29 -18.09 18.83
CA LEU A 325 -29.44 -18.97 19.63
C LEU A 325 -29.02 -18.36 20.95
N GLY A 326 -29.50 -17.16 21.29
CA GLY A 326 -29.16 -16.56 22.57
C GLY A 326 -27.77 -15.98 22.64
N ILE A 327 -27.12 -15.79 21.50
CA ILE A 327 -25.76 -15.26 21.45
C ILE A 327 -25.72 -14.12 20.46
N ASN A 328 -24.66 -13.31 20.55
CA ASN A 328 -24.41 -12.27 19.57
C ASN A 328 -23.33 -12.74 18.61
N GLY A 329 -22.97 -11.88 17.65
CA GLY A 329 -21.99 -12.28 16.64
C GLY A 329 -20.61 -12.53 17.22
N LYS A 330 -20.22 -11.73 18.21
CA LYS A 330 -18.89 -11.89 18.83
C LYS A 330 -18.76 -13.23 19.52
N GLU A 331 -19.82 -13.70 20.18
CA GLU A 331 -19.77 -15.00 20.82
C GLU A 331 -19.84 -16.12 19.80
N ALA A 332 -20.58 -15.92 18.71
CA ALA A 332 -20.61 -16.93 17.65
C ALA A 332 -19.24 -17.07 17.01
N GLU A 333 -18.57 -15.95 16.76
CA GLU A 333 -17.20 -15.99 16.23
C GLU A 333 -16.25 -16.70 17.19
N SER A 334 -16.42 -16.45 18.50
CA SER A 334 -15.53 -17.08 19.48
C SER A 334 -15.79 -18.58 19.60
N ILE A 335 -17.06 -18.99 19.57
CA ILE A 335 -17.38 -20.42 19.58
C ILE A 335 -16.72 -21.12 18.41
N LEU A 336 -16.90 -20.57 17.20
CA LEU A 336 -16.38 -21.22 16.01
C LEU A 336 -14.86 -21.21 15.98
N ASP A 337 -14.22 -20.18 16.55
CA ASP A 337 -12.76 -20.21 16.63
C ASP A 337 -12.29 -21.38 17.47
N SER A 338 -12.96 -21.65 18.60
CA SER A 338 -12.56 -22.73 19.48
C SER A 338 -12.54 -24.09 18.77
N VAL A 339 -13.33 -24.24 17.70
CA VAL A 339 -13.35 -25.48 16.94
C VAL A 339 -12.68 -25.30 15.56
N ASN A 340 -11.79 -24.32 15.43
CA ASN A 340 -10.92 -24.15 14.25
C ASN A 340 -11.73 -23.76 13.01
N ILE A 341 -12.75 -22.93 13.19
CA ILE A 341 -13.55 -22.41 12.10
C ILE A 341 -13.52 -20.89 12.20
N THR A 342 -13.00 -20.23 11.16
CA THR A 342 -12.74 -18.80 11.19
C THR A 342 -13.81 -18.05 10.40
N VAL A 343 -14.58 -17.22 11.10
CA VAL A 343 -15.53 -16.30 10.48
C VAL A 343 -15.27 -14.91 11.03
N ASN A 344 -16.10 -13.94 10.67
CA ASN A 344 -16.04 -12.64 11.33
C ASN A 344 -17.43 -12.26 11.80
N LYS A 345 -17.50 -11.76 13.03
CA LYS A 345 -18.72 -11.10 13.47
C LYS A 345 -19.04 -9.97 12.51
N ASN A 346 -20.33 -9.71 12.33
CA ASN A 346 -20.73 -8.82 11.24
C ASN A 346 -22.08 -8.22 11.57
N SER A 347 -22.22 -6.93 11.36
CA SER A 347 -23.51 -6.27 11.55
C SER A 347 -24.50 -6.77 10.50
N ILE A 348 -25.76 -6.90 10.90
CA ILE A 348 -26.85 -7.30 10.01
C ILE A 348 -27.76 -6.10 9.78
N PRO A 349 -28.57 -6.10 8.73
CA PRO A 349 -29.47 -4.97 8.48
C PRO A 349 -30.27 -4.60 9.73
N PHE A 350 -30.37 -3.29 9.98
CA PHE A 350 -31.09 -2.75 11.15
C PHE A 350 -30.48 -3.26 12.46
N GLU A 351 -29.17 -3.52 12.44
CA GLU A 351 -28.42 -3.91 13.62
C GLU A 351 -28.73 -2.99 14.80
N THR A 352 -29.04 -3.61 15.94
CA THR A 352 -29.32 -2.86 17.17
C THR A 352 -28.19 -2.93 18.17
N LEU A 353 -27.23 -3.83 17.99
CA LEU A 353 -26.10 -3.94 18.91
C LEU A 353 -24.91 -3.12 18.41
N SER A 354 -23.95 -2.95 19.30
CA SER A 354 -22.67 -2.30 19.01
C SER A 354 -22.01 -2.95 17.80
N PRO A 355 -21.29 -2.17 16.97
CA PRO A 355 -20.60 -2.76 15.81
C PRO A 355 -19.51 -3.77 16.19
N PHE A 356 -19.11 -3.81 17.46
CA PHE A 356 -18.10 -4.76 17.93
C PHE A 356 -18.70 -5.99 18.59
N LYS A 357 -20.02 -6.01 18.82
CA LYS A 357 -20.73 -7.21 19.25
C LYS A 357 -21.51 -7.83 18.10
N THR A 358 -22.39 -7.04 17.47
CA THR A 358 -23.16 -7.41 16.28
C THR A 358 -24.15 -8.54 16.56
N SER A 359 -25.12 -8.70 15.67
CA SER A 359 -26.12 -9.74 15.78
C SER A 359 -25.86 -10.90 14.83
N GLY A 360 -24.74 -10.90 14.11
CA GLY A 360 -24.54 -11.89 13.08
C GLY A 360 -23.09 -12.26 12.83
N ILE A 361 -22.90 -13.23 11.93
CA ILE A 361 -21.60 -13.59 11.40
C ILE A 361 -21.69 -13.65 9.88
N ARG A 362 -20.57 -13.36 9.23
CA ARG A 362 -20.45 -13.45 7.78
C ARG A 362 -19.63 -14.67 7.41
N ILE A 363 -20.09 -15.38 6.39
CA ILE A 363 -19.43 -16.59 5.89
C ILE A 363 -19.32 -16.48 4.37
N GLY A 364 -18.15 -16.85 3.84
CA GLY A 364 -17.97 -16.91 2.41
C GLY A 364 -17.20 -18.15 2.01
N THR A 365 -17.37 -18.54 0.74
CA THR A 365 -16.76 -19.77 0.23
C THR A 365 -15.52 -19.65 -0.66
N PRO A 366 -15.01 -18.45 -1.03
CA PRO A 366 -13.86 -18.45 -1.97
C PRO A 366 -12.66 -19.24 -1.48
N ALA A 367 -12.30 -19.14 -0.19
CA ALA A 367 -11.07 -19.76 0.28
C ALA A 367 -11.19 -21.29 0.29
N ILE A 368 -12.27 -21.82 0.86
CA ILE A 368 -12.40 -23.28 0.91
C ILE A 368 -12.57 -23.86 -0.50
N THR A 369 -13.24 -23.11 -1.39
CA THR A 369 -13.35 -23.54 -2.78
C THR A 369 -11.96 -23.63 -3.43
N THR A 370 -11.07 -22.68 -3.12
CA THR A 370 -9.72 -22.76 -3.64
C THR A 370 -9.00 -24.00 -3.12
N ARG A 371 -9.27 -24.38 -1.86
CA ARG A 371 -8.68 -25.60 -1.31
C ARG A 371 -9.19 -26.86 -2.00
N GLY A 372 -10.30 -26.78 -2.73
CA GLY A 372 -10.85 -27.92 -3.44
C GLY A 372 -12.23 -28.36 -2.98
N PHE A 373 -12.81 -27.76 -1.93
CA PHE A 373 -14.12 -28.18 -1.43
C PHE A 373 -15.16 -28.17 -2.54
N LYS A 374 -15.92 -29.25 -2.62
CA LYS A 374 -17.07 -29.33 -3.50
C LYS A 374 -18.35 -29.12 -2.68
N GLU A 375 -19.50 -29.32 -3.32
CA GLU A 375 -20.77 -29.02 -2.65
C GLU A 375 -20.97 -29.89 -1.42
N GLU A 376 -20.64 -31.18 -1.51
CA GLU A 376 -20.82 -32.05 -0.35
C GLU A 376 -19.93 -31.62 0.81
N ASP A 377 -18.74 -31.10 0.51
CA ASP A 377 -17.86 -30.63 1.56
C ASP A 377 -18.36 -29.31 2.16
N ALA A 378 -18.92 -28.44 1.31
CA ALA A 378 -19.53 -27.22 1.83
C ALA A 378 -20.75 -27.52 2.68
N VAL A 379 -21.56 -28.52 2.30
CA VAL A 379 -22.64 -28.98 3.16
C VAL A 379 -22.11 -29.37 4.53
N LYS A 380 -21.04 -30.17 4.55
CA LYS A 380 -20.48 -30.61 5.81
C LYS A 380 -20.01 -29.43 6.65
N VAL A 381 -19.40 -28.43 6.01
CA VAL A 381 -18.93 -27.26 6.74
C VAL A 381 -20.10 -26.55 7.42
N ALA A 382 -21.20 -26.35 6.68
CA ALA A 382 -22.34 -25.67 7.27
C ALA A 382 -22.95 -26.47 8.42
N GLU A 383 -22.94 -27.81 8.30
CA GLU A 383 -23.46 -28.64 9.39
C GLU A 383 -22.58 -28.54 10.63
N LEU A 384 -21.27 -28.46 10.44
CA LEU A 384 -20.38 -28.27 11.58
C LEU A 384 -20.59 -26.91 12.23
N VAL A 385 -20.88 -25.89 11.43
CA VAL A 385 -21.14 -24.56 11.98
C VAL A 385 -22.45 -24.56 12.78
N VAL A 386 -23.50 -25.19 12.24
CA VAL A 386 -24.76 -25.29 12.98
C VAL A 386 -24.55 -26.06 14.28
N LYS A 387 -23.86 -27.20 14.20
CA LYS A 387 -23.67 -28.03 15.38
C LYS A 387 -22.92 -27.28 16.48
N ALA A 388 -21.85 -26.57 16.11
CA ALA A 388 -21.06 -25.86 17.11
C ALA A 388 -21.85 -24.75 17.78
N LEU A 389 -22.73 -24.09 17.03
CA LEU A 389 -23.50 -22.99 17.59
C LEU A 389 -24.68 -23.47 18.43
N GLN A 390 -25.21 -24.66 18.12
CA GLN A 390 -26.25 -25.27 18.93
C GLN A 390 -25.70 -26.00 20.15
N ALA A 391 -24.40 -26.27 20.19
CA ALA A 391 -23.79 -26.98 21.30
C ALA A 391 -23.52 -25.98 22.42
N LYS A 392 -24.53 -25.80 23.28
CA LYS A 392 -24.45 -24.87 24.40
C LYS A 392 -23.41 -25.37 25.39
N ASP A 393 -22.14 -25.07 25.09
CA ASP A 393 -20.99 -25.36 25.96
C ASP A 393 -20.81 -26.85 26.22
N ASP A 394 -21.43 -27.73 25.42
CA ASP A 394 -21.25 -29.17 25.58
C ASP A 394 -19.89 -29.56 25.00
N ASN A 395 -18.91 -29.75 25.89
CA ASN A 395 -17.55 -30.07 25.45
C ASN A 395 -17.51 -31.31 24.56
N ALA A 396 -18.46 -32.23 24.74
CA ALA A 396 -18.44 -33.46 23.96
C ALA A 396 -18.80 -33.19 22.50
N GLN A 397 -19.76 -32.29 22.25
CA GLN A 397 -20.14 -31.98 20.88
C GLN A 397 -19.17 -31.03 20.20
N LEU A 398 -18.58 -30.07 20.94
CA LEU A 398 -17.58 -29.19 20.35
C LEU A 398 -16.36 -29.98 19.89
N ASP A 399 -15.97 -31.02 20.65
CA ASP A 399 -14.84 -31.83 20.22
C ASP A 399 -15.18 -32.68 19.00
N GLU A 400 -16.45 -33.08 18.85
CA GLU A 400 -16.86 -33.78 17.63
C GLU A 400 -16.76 -32.86 16.42
N VAL A 401 -17.12 -31.59 16.59
CA VAL A 401 -17.02 -30.62 15.50
C VAL A 401 -15.56 -30.41 15.11
N LYS A 402 -14.71 -30.17 16.13
CA LYS A 402 -13.28 -30.01 15.90
C LYS A 402 -12.69 -31.23 15.18
N THR A 403 -13.23 -32.42 15.44
CA THR A 403 -12.83 -33.61 14.71
C THR A 403 -13.23 -33.53 13.25
N GLY A 404 -14.46 -33.09 12.98
CA GLY A 404 -14.92 -32.97 11.61
C GLY A 404 -14.15 -31.94 10.81
N VAL A 405 -13.66 -30.89 11.46
CA VAL A 405 -12.82 -29.90 10.79
C VAL A 405 -11.49 -30.52 10.40
N ARG A 406 -10.87 -31.27 11.31
CA ARG A 406 -9.64 -32.00 11.01
C ARG A 406 -9.82 -32.91 9.80
N GLU A 407 -10.96 -33.58 9.71
CA GLU A 407 -11.22 -34.45 8.56
C GLU A 407 -11.25 -33.66 7.26
N LEU A 408 -11.83 -32.46 7.28
CA LEU A 408 -11.90 -31.66 6.06
C LEU A 408 -10.53 -31.10 5.69
N THR A 409 -9.80 -30.54 6.66
CA THR A 409 -8.50 -29.94 6.33
C THR A 409 -7.52 -31.00 5.81
N GLU A 410 -7.55 -32.21 6.40
CA GLU A 410 -6.69 -33.27 5.90
C GLU A 410 -7.15 -33.78 4.54
N LYS A 411 -8.43 -33.68 4.23
CA LYS A 411 -8.92 -34.10 2.93
C LYS A 411 -8.54 -33.09 1.83
N PHE A 412 -8.34 -31.82 2.19
CA PHE A 412 -7.98 -30.77 1.24
C PHE A 412 -6.80 -29.97 1.76
N PRO A 413 -5.59 -30.50 1.67
CA PRO A 413 -4.41 -29.78 2.17
C PRO A 413 -4.00 -28.67 1.21
N LEU A 414 -3.16 -27.78 1.72
CA LEU A 414 -2.66 -26.65 0.94
C LEU A 414 -1.43 -27.03 0.15
N VAL B 5 9.94 -22.85 -11.68
CA VAL B 5 10.18 -23.24 -13.08
C VAL B 5 8.87 -23.60 -13.76
N ASP B 6 8.01 -24.33 -13.04
CA ASP B 6 6.75 -24.73 -13.65
C ASP B 6 5.74 -23.58 -13.66
N TYR B 7 5.67 -22.79 -12.58
CA TYR B 7 4.74 -21.67 -12.60
C TYR B 7 5.17 -20.61 -13.60
N LYS B 8 6.47 -20.47 -13.83
CA LYS B 8 6.97 -19.56 -14.87
C LYS B 8 6.56 -20.00 -16.26
N THR B 9 6.20 -21.28 -16.45
CA THR B 9 5.77 -21.75 -17.76
C THR B 9 4.39 -21.22 -18.13
N PHE B 10 3.52 -21.02 -17.13
CA PHE B 10 2.17 -20.57 -17.44
C PHE B 10 2.16 -19.14 -17.96
N ASP B 11 3.17 -18.34 -17.61
CA ASP B 11 3.18 -16.90 -17.90
C ASP B 11 4.58 -16.45 -18.31
N PRO B 12 5.00 -16.76 -19.54
CA PRO B 12 6.35 -16.34 -19.97
C PRO B 12 6.52 -14.84 -20.07
N ASP B 13 5.47 -14.12 -20.50
CA ASP B 13 5.50 -12.65 -20.56
C ASP B 13 5.96 -12.07 -19.24
N LEU B 14 5.26 -12.40 -18.15
CA LEU B 14 5.58 -11.78 -16.88
C LEU B 14 6.97 -12.18 -16.39
N TRP B 15 7.26 -13.48 -16.41
CA TRP B 15 8.50 -13.94 -15.77
C TRP B 15 9.74 -13.57 -16.60
N ALA B 16 9.60 -13.45 -17.92
CA ALA B 16 10.72 -12.96 -18.72
C ALA B 16 11.02 -11.50 -18.42
N ALA B 17 9.99 -10.70 -18.16
CA ALA B 17 10.23 -9.30 -17.80
C ALA B 17 10.93 -9.21 -16.44
N ILE B 18 10.50 -10.02 -15.47
CA ILE B 18 11.17 -10.00 -14.17
C ILE B 18 12.61 -10.45 -14.30
N ALA B 19 12.87 -11.44 -15.17
CA ALA B 19 14.26 -11.87 -15.38
C ALA B 19 15.11 -10.74 -15.94
N LYS B 20 14.56 -9.95 -16.87
CA LYS B 20 15.29 -8.82 -17.42
C LYS B 20 15.57 -7.77 -16.36
N GLU B 21 14.63 -7.55 -15.45
CA GLU B 21 14.87 -6.59 -14.37
C GLU B 21 15.91 -7.12 -13.38
N GLU B 22 15.95 -8.44 -13.16
CA GLU B 22 17.03 -9.00 -12.33
C GLU B 22 18.38 -8.71 -12.95
N GLU B 23 18.50 -8.94 -14.26
CA GLU B 23 19.75 -8.64 -14.95
C GLU B 23 20.09 -7.15 -14.91
N ARG B 24 19.09 -6.28 -15.07
CA ARG B 24 19.37 -4.85 -15.00
C ARG B 24 19.88 -4.46 -13.62
N GLN B 25 19.29 -5.00 -12.55
CA GLN B 25 19.77 -4.65 -11.23
C GLN B 25 21.19 -5.15 -11.03
N GLU B 26 21.51 -6.32 -11.58
CA GLU B 26 22.86 -6.85 -11.46
C GLU B 26 23.87 -5.97 -12.21
N HIS B 27 23.53 -5.55 -13.43
CA HIS B 27 24.49 -4.98 -14.37
C HIS B 27 24.57 -3.46 -14.35
N ASN B 28 23.67 -2.78 -13.67
CA ASN B 28 23.67 -1.33 -13.65
C ASN B 28 24.25 -0.81 -12.34
N LEU B 29 24.74 0.43 -12.38
CA LEU B 29 25.00 1.19 -11.17
C LEU B 29 23.70 1.88 -10.78
N GLU B 30 23.14 1.49 -9.64
CA GLU B 30 21.88 2.06 -9.16
C GLU B 30 22.22 3.21 -8.22
N LEU B 31 22.17 4.42 -8.75
CA LEU B 31 22.52 5.62 -8.00
C LEU B 31 21.28 6.43 -7.57
N ILE B 32 20.08 5.86 -7.71
CA ILE B 32 18.87 6.54 -7.24
C ILE B 32 18.93 6.59 -5.72
N ALA B 33 18.91 7.80 -5.16
CA ALA B 33 19.24 8.00 -3.74
C ALA B 33 18.26 7.30 -2.82
N SER B 34 17.02 7.09 -3.27
CA SER B 34 15.98 6.47 -2.46
C SER B 34 15.86 4.97 -2.68
N GLU B 35 16.78 4.37 -3.42
CA GLU B 35 16.68 2.93 -3.67
C GLU B 35 17.74 2.18 -2.87
N ASN B 36 17.55 0.88 -2.77
CA ASN B 36 18.45 -0.01 -2.04
C ASN B 36 18.23 -1.42 -2.58
N PHE B 37 18.96 -2.37 -2.00
CA PHE B 37 18.77 -3.79 -2.26
C PHE B 37 18.43 -4.46 -0.93
N VAL B 38 17.25 -5.05 -0.85
CA VAL B 38 16.85 -5.69 0.39
C VAL B 38 17.40 -7.11 0.45
N SER B 39 17.45 -7.64 1.66
CA SER B 39 18.02 -8.96 1.88
C SER B 39 17.07 -10.05 1.37
N GLU B 40 17.64 -11.24 1.22
CA GLU B 40 16.84 -12.41 0.84
C GLU B 40 15.72 -12.64 1.84
N ALA B 41 16.00 -12.41 3.12
CA ALA B 41 14.98 -12.61 4.15
C ALA B 41 13.80 -11.66 3.96
N VAL B 42 14.08 -10.38 3.69
CA VAL B 42 13.00 -9.42 3.50
C VAL B 42 12.10 -9.84 2.36
N MET B 43 12.70 -10.24 1.23
CA MET B 43 11.90 -10.65 0.08
C MET B 43 11.14 -11.93 0.38
N ALA B 44 11.73 -12.86 1.14
CA ALA B 44 11.02 -14.08 1.50
C ALA B 44 9.82 -13.78 2.38
N ALA B 45 9.95 -12.80 3.28
CA ALA B 45 8.80 -12.37 4.07
C ALA B 45 7.70 -11.82 3.19
N GLN B 46 8.04 -10.95 2.23
CA GLN B 46 7.03 -10.41 1.32
C GLN B 46 6.43 -11.51 0.46
N GLY B 47 7.17 -12.59 0.21
CA GLY B 47 6.63 -13.67 -0.60
C GLY B 47 5.96 -14.76 0.21
N SER B 48 5.57 -14.47 1.45
CA SER B 48 5.06 -15.49 2.36
C SER B 48 3.53 -15.54 2.30
N ILE B 49 2.97 -16.55 2.98
CA ILE B 49 1.52 -16.72 3.00
C ILE B 49 0.82 -15.68 3.87
N LEU B 50 1.56 -14.75 4.48
CA LEU B 50 0.89 -13.70 5.22
C LEU B 50 0.09 -12.77 4.32
N THR B 51 0.28 -12.85 3.00
CA THR B 51 -0.56 -12.07 2.09
C THR B 51 -2.01 -12.54 2.14
N ASN B 52 -2.28 -13.74 2.65
CA ASN B 52 -3.64 -14.25 2.67
C ASN B 52 -4.46 -13.76 3.86
N LYS B 53 -3.88 -13.04 4.83
CA LYS B 53 -4.58 -12.74 6.07
C LYS B 53 -5.13 -11.32 6.08
N TYR B 54 -6.44 -11.21 6.27
CA TYR B 54 -7.07 -9.93 6.61
C TYR B 54 -6.91 -9.70 8.12
N ALA B 55 -6.40 -8.54 8.49
CA ALA B 55 -6.02 -8.26 9.88
C ALA B 55 -6.34 -6.82 10.27
N GLU B 56 -7.55 -6.38 9.94
CA GLU B 56 -7.96 -5.03 10.26
C GLU B 56 -8.06 -4.83 11.76
N GLY B 57 -7.64 -3.66 12.22
CA GLY B 57 -7.41 -3.40 13.63
C GLY B 57 -5.92 -3.43 13.94
N TYR B 58 -5.62 -3.65 15.21
CA TYR B 58 -4.25 -3.64 15.72
C TYR B 58 -4.02 -4.86 16.59
N PRO B 59 -2.76 -5.23 16.85
CA PRO B 59 -2.49 -6.43 17.66
C PRO B 59 -3.28 -6.43 18.96
N GLY B 60 -3.98 -7.53 19.21
CA GLY B 60 -4.82 -7.68 20.39
C GLY B 60 -6.16 -7.01 20.30
N HIS B 61 -6.40 -6.22 19.26
CA HIS B 61 -7.65 -5.48 19.10
C HIS B 61 -8.06 -5.55 17.63
N ARG B 62 -8.01 -6.76 17.07
CA ARG B 62 -8.41 -6.94 15.70
C ARG B 62 -9.92 -6.93 15.61
N TYR B 63 -10.44 -6.83 14.39
CA TYR B 63 -11.88 -6.81 14.20
C TYR B 63 -12.45 -8.20 14.01
N TYR B 64 -11.60 -9.22 13.91
CA TYR B 64 -12.04 -10.60 13.79
C TYR B 64 -10.85 -11.51 14.16
N GLY B 65 -11.03 -12.82 14.00
CA GLY B 65 -10.14 -13.79 14.56
C GLY B 65 -9.11 -14.32 13.56
N GLY B 66 -8.32 -15.28 14.05
CA GLY B 66 -7.25 -15.86 13.26
C GLY B 66 -5.97 -15.06 13.23
N CYS B 67 -5.84 -14.03 14.05
CA CYS B 67 -4.72 -13.11 13.96
C CYS B 67 -3.68 -13.32 15.06
N GLU B 68 -3.73 -14.47 15.76
CA GLU B 68 -2.78 -14.71 16.85
C GLU B 68 -1.34 -14.53 16.39
N PHE B 69 -0.99 -15.13 15.27
CA PHE B 69 0.40 -15.11 14.84
C PHE B 69 0.75 -13.88 14.02
N VAL B 70 -0.22 -13.34 13.28
CA VAL B 70 -0.02 -12.04 12.66
C VAL B 70 0.26 -10.99 13.72
N ASP B 71 -0.38 -11.10 14.89
CA ASP B 71 -0.14 -10.15 15.97
C ASP B 71 1.30 -10.24 16.47
N ILE B 72 1.85 -11.45 16.53
CA ILE B 72 3.26 -11.60 16.93
C ILE B 72 4.15 -10.88 15.94
N VAL B 73 3.92 -11.10 14.64
CA VAL B 73 4.71 -10.46 13.60
C VAL B 73 4.62 -8.95 13.69
N GLU B 74 3.40 -8.41 13.78
CA GLU B 74 3.26 -6.97 13.82
C GLU B 74 3.84 -6.38 15.10
N ASN B 75 3.74 -7.09 16.22
CA ASN B 75 4.35 -6.59 17.46
C ASN B 75 5.88 -6.63 17.38
N LEU B 76 6.45 -7.60 16.67
CA LEU B 76 7.90 -7.56 16.45
C LEU B 76 8.30 -6.31 15.69
N ALA B 77 7.56 -5.96 14.64
CA ALA B 77 7.88 -4.75 13.88
C ALA B 77 7.76 -3.52 14.76
N ILE B 78 6.66 -3.42 15.52
CA ILE B 78 6.45 -2.30 16.42
C ILE B 78 7.58 -2.21 17.44
N ASP B 79 7.92 -3.34 18.07
CA ASP B 79 8.89 -3.29 19.17
C ASP B 79 10.29 -2.95 18.67
N ARG B 80 10.66 -3.49 17.52
CA ARG B 80 11.99 -3.21 16.99
C ARG B 80 12.09 -1.79 16.47
N ALA B 81 10.99 -1.27 15.92
CA ALA B 81 10.96 0.15 15.55
C ALA B 81 11.14 1.04 16.77
N LYS B 82 10.44 0.70 17.87
CA LYS B 82 10.60 1.47 19.09
C LYS B 82 12.05 1.44 19.56
N GLU B 83 12.65 0.26 19.55
CA GLU B 83 14.03 0.12 20.00
C GLU B 83 14.99 0.83 19.05
N LEU B 84 14.74 0.75 17.74
CA LEU B 84 15.65 1.37 16.77
C LEU B 84 15.73 2.87 16.94
N PHE B 85 14.60 3.53 17.16
CA PHE B 85 14.55 4.98 17.14
C PHE B 85 14.25 5.60 18.49
N GLY B 86 14.01 4.78 19.51
CA GLY B 86 13.80 5.31 20.85
C GLY B 86 12.46 5.96 21.05
N ALA B 87 11.46 5.57 20.27
CA ALA B 87 10.12 6.14 20.37
C ALA B 87 9.26 5.30 21.30
N LYS B 88 8.35 5.96 22.02
CA LYS B 88 7.46 5.23 22.91
C LYS B 88 6.33 4.53 22.16
N PHE B 89 6.00 4.95 20.93
CA PHE B 89 4.90 4.37 20.19
C PHE B 89 5.26 4.29 18.71
N ALA B 90 4.84 3.20 18.06
CA ALA B 90 5.04 3.04 16.63
C ALA B 90 3.80 2.47 15.98
N ASN B 91 3.53 2.93 14.77
CA ASN B 91 2.50 2.36 13.90
C ASN B 91 3.20 1.90 12.63
N VAL B 92 3.10 0.61 12.34
CA VAL B 92 3.83 0.01 11.21
C VAL B 92 2.90 -0.35 10.05
N GLN B 93 1.62 0.05 10.11
CA GLN B 93 0.69 -0.34 9.04
C GLN B 93 0.67 0.53 7.78
N PRO B 94 1.20 1.76 7.76
CA PRO B 94 1.06 2.58 6.54
C PRO B 94 1.62 1.87 5.33
N HIS B 95 0.82 1.85 4.25
CA HIS B 95 1.20 1.20 3.00
C HIS B 95 2.41 1.86 2.36
N SER B 96 2.75 3.09 2.76
CA SER B 96 3.77 3.88 2.07
C SER B 96 4.08 5.11 2.91
N GLY B 97 5.14 5.81 2.51
CA GLY B 97 5.45 7.09 3.13
C GLY B 97 4.36 8.12 2.91
N SER B 98 3.71 8.09 1.74
CA SER B 98 2.62 9.02 1.47
C SER B 98 1.45 8.79 2.42
N GLN B 99 1.08 7.52 2.65
CA GLN B 99 0.03 7.21 3.61
C GLN B 99 0.46 7.56 5.03
N ALA B 100 1.73 7.30 5.40
CA ALA B 100 2.19 7.72 6.70
C ALA B 100 2.01 9.23 6.90
N ASN B 101 2.38 10.02 5.89
CA ASN B 101 2.27 11.47 6.04
C ASN B 101 0.81 11.91 6.07
N THR B 102 -0.04 11.29 5.25
CA THR B 102 -1.48 11.57 5.27
C THR B 102 -2.03 11.42 6.68
N ALA B 103 -1.71 10.30 7.32
CA ALA B 103 -2.27 10.03 8.64
C ALA B 103 -1.64 10.91 9.71
N ALA B 104 -0.38 11.28 9.55
CA ALA B 104 0.25 12.19 10.50
C ALA B 104 -0.39 13.56 10.45
N TYR B 105 -0.69 14.08 9.26
CA TYR B 105 -1.40 15.35 9.16
C TYR B 105 -2.77 15.27 9.82
N LEU B 106 -3.47 14.14 9.64
CA LEU B 106 -4.78 13.98 10.24
C LEU B 106 -4.71 13.97 11.77
N ALA B 107 -3.61 13.51 12.34
CA ALA B 107 -3.47 13.51 13.78
C ALA B 107 -3.03 14.85 14.35
N LEU B 108 -2.59 15.79 13.51
CA LEU B 108 -1.96 17.02 13.98
C LEU B 108 -2.75 18.27 13.69
N VAL B 109 -3.37 18.38 12.51
CA VAL B 109 -4.02 19.61 12.06
C VAL B 109 -5.38 19.27 11.47
N GLU B 110 -6.14 20.32 11.18
CA GLU B 110 -7.45 20.28 10.54
C GLU B 110 -7.34 20.75 9.09
N PRO B 111 -8.22 20.29 8.20
CA PRO B 111 -8.19 20.79 6.83
C PRO B 111 -8.20 22.30 6.79
N GLY B 112 -7.39 22.87 5.90
CA GLY B 112 -7.27 24.31 5.80
C GLY B 112 -6.23 24.96 6.71
N ASP B 113 -5.69 24.24 7.70
CA ASP B 113 -4.73 24.85 8.62
C ASP B 113 -3.45 25.26 7.88
N THR B 114 -2.72 26.22 8.47
CA THR B 114 -1.49 26.71 7.88
C THR B 114 -0.33 25.81 8.30
N ILE B 115 0.42 25.32 7.31
CA ILE B 115 1.56 24.44 7.56
C ILE B 115 2.78 24.99 6.83
N LEU B 116 3.92 24.95 7.52
CA LEU B 116 5.21 25.32 6.96
C LEU B 116 5.93 24.05 6.52
N GLY B 117 6.32 23.97 5.26
CA GLY B 117 6.97 22.78 4.75
C GLY B 117 7.98 23.16 3.70
N MET B 118 8.93 22.26 3.47
CA MET B 118 10.02 22.57 2.54
C MET B 118 9.56 22.54 1.09
N ASP B 119 9.89 23.61 0.36
CA ASP B 119 9.57 23.76 -1.06
C ASP B 119 10.14 22.60 -1.87
N LEU B 120 9.39 22.18 -2.89
CA LEU B 120 9.79 21.00 -3.65
C LEU B 120 11.10 21.23 -4.39
N SER B 121 11.22 22.36 -5.10
CA SER B 121 12.47 22.68 -5.79
C SER B 121 13.64 22.78 -4.84
N ALA B 122 13.40 23.22 -3.59
CA ALA B 122 14.46 23.33 -2.62
C ALA B 122 14.87 22.00 -2.03
N GLY B 123 14.15 20.93 -2.34
CA GLY B 123 14.48 19.61 -1.84
C GLY B 123 13.37 18.93 -1.06
N GLY B 124 12.23 19.58 -0.81
CA GLY B 124 11.17 18.95 -0.07
C GLY B 124 10.45 17.88 -0.88
N HIS B 125 9.69 17.05 -0.18
CA HIS B 125 8.93 16.00 -0.85
C HIS B 125 7.60 16.55 -1.36
N LEU B 126 7.00 15.83 -2.33
CA LEU B 126 5.68 16.21 -2.82
C LEU B 126 4.66 16.32 -1.69
N THR B 127 4.74 15.42 -0.70
CA THR B 127 3.78 15.42 0.42
C THR B 127 4.08 16.51 1.44
N HIS B 128 5.05 17.38 1.18
CA HIS B 128 5.37 18.50 2.05
C HIS B 128 4.78 19.81 1.54
N GLY B 129 3.71 19.73 0.73
CA GLY B 129 2.93 20.90 0.40
C GLY B 129 2.78 21.22 -1.07
N SER B 130 3.12 20.27 -1.94
CA SER B 130 2.93 20.52 -3.37
C SER B 130 1.44 20.68 -3.68
N PRO B 131 1.08 21.64 -4.53
CA PRO B 131 -0.34 21.87 -4.83
C PRO B 131 -0.98 20.76 -5.68
N VAL B 132 -0.18 19.92 -6.35
CA VAL B 132 -0.73 18.77 -7.08
C VAL B 132 -0.87 17.54 -6.19
N ASN B 133 -0.54 17.65 -4.92
CA ASN B 133 -0.55 16.56 -3.97
C ASN B 133 -1.65 16.84 -2.94
N PHE B 134 -2.07 15.79 -2.23
CA PHE B 134 -3.10 15.99 -1.21
C PHE B 134 -2.68 17.01 -0.17
N SER B 135 -1.38 17.11 0.11
CA SER B 135 -0.91 18.03 1.14
C SER B 135 -1.23 19.47 0.77
N GLY B 136 -0.82 19.91 -0.41
CA GLY B 136 -1.09 21.26 -0.84
C GLY B 136 -2.56 21.54 -1.11
N LYS B 137 -3.32 20.50 -1.48
CA LYS B 137 -4.75 20.65 -1.74
C LYS B 137 -5.56 20.76 -0.45
N THR B 138 -5.14 20.09 0.62
CA THR B 138 -5.95 19.96 1.82
C THR B 138 -5.62 20.98 2.89
N TYR B 139 -4.40 21.51 2.90
CA TYR B 139 -3.94 22.42 3.93
C TYR B 139 -3.33 23.65 3.26
N HIS B 140 -3.10 24.71 4.03
CA HIS B 140 -2.53 25.94 3.49
C HIS B 140 -1.04 25.91 3.77
N PHE B 141 -0.26 25.45 2.79
CA PHE B 141 1.18 25.32 2.98
C PHE B 141 1.88 26.62 2.64
N VAL B 142 2.78 27.04 3.52
CA VAL B 142 3.72 28.13 3.24
C VAL B 142 5.09 27.48 3.18
N ALA B 143 5.77 27.66 2.06
CA ALA B 143 7.02 26.95 1.79
C ALA B 143 8.20 27.75 2.31
N TYR B 144 9.17 27.05 2.90
CA TYR B 144 10.52 27.57 3.08
C TYR B 144 11.45 26.80 2.15
N GLY B 145 12.57 27.41 1.82
CA GLY B 145 13.50 26.80 0.89
C GLY B 145 14.92 26.84 1.43
N VAL B 146 15.87 27.08 0.53
CA VAL B 146 17.25 27.23 0.93
C VAL B 146 17.74 28.58 0.42
N ASP B 147 18.88 29.01 0.94
CA ASP B 147 19.45 30.28 0.52
C ASP B 147 20.00 30.16 -0.90
N PRO B 148 19.82 31.18 -1.75
CA PRO B 148 20.32 31.07 -3.14
C PRO B 148 21.84 30.94 -3.25
N THR B 149 22.61 31.46 -2.29
CA THR B 149 24.05 31.42 -2.43
C THR B 149 24.67 30.16 -1.83
N THR B 150 24.31 29.82 -0.58
CA THR B 150 24.83 28.66 0.11
C THR B 150 24.03 27.40 -0.14
N GLU B 151 22.78 27.54 -0.60
CA GLU B 151 21.88 26.43 -0.91
C GLU B 151 21.64 25.53 0.31
N VAL B 152 21.65 26.11 1.51
CA VAL B 152 21.28 25.38 2.71
C VAL B 152 20.14 26.13 3.39
N ILE B 153 19.47 25.43 4.31
CA ILE B 153 18.35 26.03 5.03
C ILE B 153 18.87 27.17 5.89
N ASP B 154 18.20 28.33 5.81
CA ASP B 154 18.49 29.47 6.66
C ASP B 154 17.46 29.46 7.80
N TYR B 155 17.89 29.08 9.00
CA TYR B 155 16.93 28.93 10.08
C TYR B 155 16.36 30.26 10.54
N ASN B 156 17.06 31.36 10.33
CA ASN B 156 16.48 32.67 10.65
C ASN B 156 15.33 33.00 9.72
N VAL B 157 15.42 32.55 8.47
CA VAL B 157 14.34 32.78 7.52
C VAL B 157 13.13 31.92 7.86
N VAL B 158 13.38 30.69 8.30
CA VAL B 158 12.27 29.84 8.75
C VAL B 158 11.57 30.49 9.94
N ARG B 159 12.36 30.99 10.89
CA ARG B 159 11.79 31.65 12.07
C ARG B 159 10.98 32.87 11.65
N ILE B 160 11.49 33.66 10.71
CA ILE B 160 10.74 34.81 10.22
C ILE B 160 9.44 34.37 9.56
N LEU B 161 9.49 33.34 8.71
CA LEU B 161 8.27 32.82 8.09
C LEU B 161 7.29 32.34 9.15
N ALA B 162 7.77 31.55 10.11
CA ALA B 162 6.91 31.02 11.17
C ALA B 162 6.23 32.15 11.93
N ARG B 163 7.01 33.14 12.38
CA ARG B 163 6.44 34.24 13.13
C ARG B 163 5.40 34.98 12.30
N LYS B 164 5.66 35.13 11.00
CA LYS B 164 4.76 35.90 10.15
C LYS B 164 3.46 35.16 9.86
N HIS B 165 3.53 33.85 9.64
CA HIS B 165 2.36 33.11 9.18
C HIS B 165 1.67 32.32 10.28
N GLN B 166 2.26 32.23 11.48
CA GLN B 166 1.66 31.53 12.60
C GLN B 166 1.16 30.13 12.23
N PRO B 167 2.03 29.24 11.76
CA PRO B 167 1.57 27.93 11.33
C PRO B 167 1.09 27.09 12.50
N LYS B 168 0.09 26.24 12.26
CA LYS B 168 -0.27 25.24 13.25
C LYS B 168 0.76 24.12 13.32
N LEU B 169 1.54 23.94 12.26
CA LEU B 169 2.45 22.82 12.15
C LEU B 169 3.61 23.26 11.29
N ILE B 170 4.82 22.85 11.68
CA ILE B 170 6.01 22.95 10.85
C ILE B 170 6.45 21.54 10.48
N VAL B 171 6.79 21.35 9.20
CA VAL B 171 7.24 20.06 8.68
C VAL B 171 8.70 20.22 8.29
N ALA B 172 9.54 19.33 8.79
CA ALA B 172 10.94 19.28 8.42
C ALA B 172 11.25 17.91 7.84
N GLY B 173 12.26 17.86 6.96
CA GLY B 173 12.57 16.66 6.23
C GLY B 173 12.56 16.93 4.74
N ALA B 174 13.19 16.06 3.95
CA ALA B 174 13.43 16.40 2.55
C ALA B 174 13.66 15.12 1.75
N SER B 175 13.52 15.26 0.44
CA SER B 175 13.86 14.19 -0.50
C SER B 175 15.17 14.41 -1.23
N ALA B 176 15.60 15.67 -1.37
CA ALA B 176 16.76 16.00 -2.17
C ALA B 176 17.61 17.05 -1.46
N TYR B 177 17.78 16.90 -0.16
CA TYR B 177 18.61 17.82 0.64
C TYR B 177 19.76 17.02 1.24
N GLY B 178 20.99 17.42 0.89
CA GLY B 178 22.18 16.68 1.28
C GLY B 178 22.84 17.08 2.59
N ARG B 179 22.32 18.06 3.30
CA ARG B 179 22.98 18.58 4.48
C ARG B 179 22.21 18.20 5.74
N THR B 180 22.90 18.29 6.89
CA THR B 180 22.28 17.99 8.16
C THR B 180 21.11 18.92 8.41
N ILE B 181 20.00 18.37 8.89
CA ILE B 181 18.83 19.14 9.26
C ILE B 181 18.83 19.32 10.77
N ASP B 182 18.77 20.57 11.19
CA ASP B 182 18.90 20.91 12.62
C ASP B 182 17.51 20.84 13.24
N PHE B 183 17.16 19.66 13.74
CA PHE B 183 15.85 19.43 14.33
C PHE B 183 15.66 20.23 15.62
N ALA B 184 16.73 20.41 16.40
CA ALA B 184 16.63 21.22 17.61
C ALA B 184 16.19 22.64 17.28
N LYS B 185 16.75 23.22 16.22
CA LYS B 185 16.34 24.57 15.84
C LYS B 185 14.90 24.59 15.33
N PHE B 186 14.45 23.52 14.66
CA PHE B 186 13.05 23.48 14.24
C PHE B 186 12.13 23.44 15.45
N ARG B 187 12.50 22.67 16.47
CA ARG B 187 11.73 22.62 17.71
C ARG B 187 11.72 23.97 18.40
N GLU B 188 12.85 24.67 18.39
CA GLU B 188 12.91 26.01 18.97
C GLU B 188 11.98 26.97 18.23
N ILE B 189 11.95 26.89 16.90
CA ILE B 189 11.10 27.79 16.14
C ILE B 189 9.62 27.45 16.35
N ALA B 190 9.30 26.16 16.40
CA ALA B 190 7.92 25.75 16.62
C ALA B 190 7.42 26.19 17.99
N ASP B 191 8.24 25.99 19.04
CA ASP B 191 7.87 26.43 20.38
C ASP B 191 7.65 27.94 20.42
N GLU B 192 8.50 28.70 19.75
CA GLU B 192 8.41 30.15 19.76
C GLU B 192 7.04 30.61 19.27
N VAL B 193 6.51 29.98 18.22
CA VAL B 193 5.25 30.39 17.65
C VAL B 193 4.09 29.48 18.05
N GLY B 194 4.34 28.52 18.93
CA GLY B 194 3.28 27.64 19.38
C GLY B 194 2.80 26.61 18.38
N ALA B 195 3.64 26.27 17.40
CA ALA B 195 3.28 25.28 16.40
C ALA B 195 3.74 23.89 16.82
N LYS B 196 3.08 22.88 16.26
CA LYS B 196 3.58 21.51 16.38
C LYS B 196 4.70 21.28 15.37
N LEU B 197 5.47 20.22 15.59
CA LEU B 197 6.59 19.88 14.71
C LEU B 197 6.42 18.45 14.21
N MET B 198 6.46 18.28 12.89
CA MET B 198 6.43 16.97 12.26
C MET B 198 7.71 16.82 11.44
N VAL B 199 8.39 15.69 11.62
CA VAL B 199 9.61 15.40 10.87
C VAL B 199 9.38 14.17 10.01
N ASP B 200 9.66 14.30 8.72
CA ASP B 200 9.60 13.19 7.78
C ASP B 200 11.05 12.79 7.50
N MET B 201 11.49 11.70 8.13
CA MET B 201 12.88 11.29 8.04
C MET B 201 13.09 10.13 7.07
N ALA B 202 12.17 9.96 6.10
CA ALA B 202 12.23 8.82 5.19
C ALA B 202 13.65 8.59 4.66
N HIS B 203 14.26 9.64 4.11
CA HIS B 203 15.54 9.45 3.44
C HIS B 203 16.67 9.10 4.41
N ILE B 204 16.63 9.65 5.63
CA ILE B 204 17.76 9.55 6.53
C ILE B 204 17.51 8.56 7.66
N ALA B 205 16.41 7.80 7.59
CA ALA B 205 16.01 6.94 8.70
C ALA B 205 17.14 6.00 9.12
N GLY B 206 17.80 5.36 8.16
CA GLY B 206 18.88 4.45 8.49
C GLY B 206 20.06 5.17 9.11
N LEU B 207 20.38 6.37 8.62
CA LEU B 207 21.43 7.16 9.26
C LEU B 207 21.06 7.53 10.69
N VAL B 208 19.78 7.86 10.92
CA VAL B 208 19.34 8.17 12.28
C VAL B 208 19.49 6.94 13.17
N ALA B 209 19.03 5.79 12.68
CA ALA B 209 19.14 4.56 13.46
C ALA B 209 20.59 4.30 13.87
N ALA B 210 21.55 4.65 13.01
CA ALA B 210 22.96 4.41 13.25
C ALA B 210 23.65 5.52 14.04
N GLY B 211 22.91 6.53 14.49
CA GLY B 211 23.49 7.63 15.23
C GLY B 211 24.32 8.60 14.41
N LEU B 212 24.21 8.56 13.08
CA LEU B 212 25.03 9.36 12.19
C LEU B 212 24.29 10.57 11.62
N HIS B 213 23.05 10.80 12.04
CA HIS B 213 22.32 12.01 11.77
C HIS B 213 21.59 12.31 13.08
N PRO B 214 21.50 13.57 13.49
CA PRO B 214 20.70 13.92 14.67
C PRO B 214 19.32 13.28 14.63
N ASN B 215 18.86 12.83 15.79
CA ASN B 215 17.62 12.07 15.88
C ASN B 215 16.44 13.01 16.05
N PRO B 216 15.46 13.01 15.12
CA PRO B 216 14.32 13.92 15.27
C PRO B 216 13.30 13.46 16.29
N VAL B 217 13.33 12.18 16.68
CA VAL B 217 12.23 11.63 17.47
C VAL B 217 12.04 12.37 18.79
N PRO B 218 13.09 12.71 19.55
CA PRO B 218 12.87 13.49 20.77
C PRO B 218 12.28 14.87 20.52
N TYR B 219 12.44 15.43 19.32
CA TYR B 219 12.03 16.81 19.09
C TYR B 219 10.68 16.94 18.41
N ALA B 220 10.26 15.97 17.61
CA ALA B 220 9.06 16.08 16.80
C ALA B 220 7.87 15.50 17.53
N ASP B 221 6.72 16.19 17.44
CA ASP B 221 5.48 15.61 17.93
C ASP B 221 5.23 14.26 17.28
N ILE B 222 5.45 14.16 15.98
CA ILE B 222 5.28 12.92 15.22
C ILE B 222 6.44 12.84 14.24
N THR B 223 7.05 11.67 14.14
CA THR B 223 8.05 11.41 13.11
C THR B 223 7.52 10.35 12.17
N THR B 224 7.59 10.62 10.86
CA THR B 224 7.21 9.64 9.86
C THR B 224 8.45 9.20 9.10
N THR B 225 8.32 8.05 8.44
CA THR B 225 9.43 7.56 7.62
C THR B 225 8.88 6.51 6.67
N THR B 226 9.68 6.23 5.63
CA THR B 226 9.52 5.01 4.87
C THR B 226 10.49 3.96 5.38
N THR B 227 10.26 2.71 5.01
CA THR B 227 11.12 1.63 5.45
C THR B 227 12.09 1.16 4.38
N HIS B 228 12.09 1.77 3.19
CA HIS B 228 12.81 1.19 2.04
C HIS B 228 13.99 2.01 1.53
N LYS B 229 14.30 3.16 2.14
CA LYS B 229 15.42 3.95 1.64
C LYS B 229 16.70 3.54 2.39
N THR B 230 17.27 4.43 3.21
CA THR B 230 18.47 4.02 3.95
C THR B 230 18.19 2.91 4.97
N LEU B 231 16.93 2.72 5.39
CA LEU B 231 16.62 1.63 6.30
C LEU B 231 16.69 0.27 5.61
N ARG B 232 16.73 0.23 4.28
CA ARG B 232 16.96 -1.02 3.54
C ARG B 232 15.92 -2.10 3.83
N GLY B 233 14.66 -1.69 4.04
CA GLY B 233 13.60 -2.65 4.24
C GLY B 233 12.61 -2.68 3.07
N PRO B 234 11.47 -3.34 3.26
CA PRO B 234 10.48 -3.39 2.19
C PRO B 234 9.86 -2.02 1.96
N ARG B 235 9.14 -1.90 0.86
CA ARG B 235 8.44 -0.67 0.54
CA ARG B 235 8.44 -0.67 0.53
C ARG B 235 7.24 -0.52 1.47
N GLY B 236 7.22 0.57 2.23
CA GLY B 236 6.12 0.82 3.15
C GLY B 236 6.43 2.04 3.98
N GLY B 237 5.50 2.38 4.88
CA GLY B 237 5.63 3.54 5.74
C GLY B 237 5.55 3.20 7.22
N MET B 238 5.80 4.22 8.05
CA MET B 238 5.79 4.03 9.50
C MET B 238 5.65 5.39 10.17
N ILE B 239 5.02 5.39 11.35
CA ILE B 239 4.77 6.62 12.09
C ILE B 239 5.21 6.39 13.53
N LEU B 240 5.96 7.35 14.09
CA LEU B 240 6.49 7.27 15.44
C LEU B 240 6.07 8.50 16.26
N THR B 241 5.92 8.30 17.56
CA THR B 241 5.63 9.40 18.46
C THR B 241 5.96 8.95 19.89
N ASN B 242 6.20 9.94 20.74
CA ASN B 242 6.34 9.71 22.17
C ASN B 242 5.10 10.11 22.98
N ASP B 243 4.09 10.69 22.33
CA ASP B 243 2.90 11.21 23.00
C ASP B 243 1.76 10.20 22.90
N GLU B 244 1.27 9.75 24.07
CA GLU B 244 0.26 8.69 24.10
C GLU B 244 -1.07 9.12 23.48
N ALA B 245 -1.46 10.39 23.67
CA ALA B 245 -2.67 10.89 23.02
C ALA B 245 -2.51 10.93 21.51
N LEU B 246 -1.35 11.39 21.02
CA LEU B 246 -1.10 11.40 19.57
C LEU B 246 -1.07 9.99 19.01
N ALA B 247 -0.46 9.05 19.75
CA ALA B 247 -0.42 7.66 19.30
C ALA B 247 -1.81 7.12 19.03
N LYS B 248 -2.80 7.50 19.85
CA LYS B 248 -4.16 7.01 19.64
C LYS B 248 -4.78 7.67 18.41
N LYS B 249 -4.56 8.98 18.21
CA LYS B 249 -5.05 9.64 17.01
C LYS B 249 -4.38 9.06 15.77
N ILE B 250 -3.08 8.76 15.87
CA ILE B 250 -2.35 8.18 14.77
C ILE B 250 -2.95 6.84 14.39
N ASN B 251 -3.16 5.97 15.38
CA ASN B 251 -3.71 4.66 15.07
C ASN B 251 -5.10 4.76 14.44
N SER B 252 -5.94 5.68 14.94
CA SER B 252 -7.28 5.85 14.38
C SER B 252 -7.24 6.41 12.95
N ALA B 253 -6.30 7.31 12.68
CA ALA B 253 -6.20 7.92 11.37
C ALA B 253 -5.78 6.90 10.33
N VAL B 254 -4.84 6.03 10.69
CA VAL B 254 -4.40 5.01 9.75
C VAL B 254 -5.52 4.02 9.46
N PHE B 255 -6.14 3.49 10.51
CA PHE B 255 -7.30 2.59 10.37
C PHE B 255 -8.24 2.84 11.54
N PRO B 256 -9.56 3.06 11.29
CA PRO B 256 -10.23 2.93 10.00
C PRO B 256 -10.22 4.21 9.16
N GLY B 257 -9.36 5.17 9.50
CA GLY B 257 -9.33 6.44 8.82
C GLY B 257 -9.04 6.39 7.34
N ILE B 258 -7.83 5.99 6.93
CA ILE B 258 -7.43 6.10 5.53
C ILE B 258 -7.07 4.78 4.89
N GLN B 259 -6.91 3.71 5.65
CA GLN B 259 -6.60 2.41 5.08
C GLN B 259 -7.63 1.39 5.54
N GLY B 260 -7.60 0.24 4.89
CA GLY B 260 -8.33 -0.92 5.37
C GLY B 260 -7.38 -1.94 5.99
N GLY B 261 -7.29 -3.11 5.39
CA GLY B 261 -6.41 -4.14 5.91
C GLY B 261 -4.95 -3.83 5.65
N PRO B 262 -4.10 -4.09 6.64
CA PRO B 262 -2.65 -3.92 6.44
C PRO B 262 -2.07 -5.02 5.56
N LEU B 263 -0.89 -4.72 5.01
CA LEU B 263 -0.10 -5.69 4.24
C LEU B 263 0.82 -6.41 5.23
N GLU B 264 0.32 -7.51 5.80
CA GLU B 264 1.09 -8.14 6.87
C GLU B 264 2.33 -8.87 6.36
N HIS B 265 2.36 -9.31 5.11
CA HIS B 265 3.60 -9.86 4.55
C HIS B 265 4.66 -8.78 4.36
N VAL B 266 4.23 -7.55 4.06
CA VAL B 266 5.16 -6.42 4.04
C VAL B 266 5.58 -6.07 5.46
N ILE B 267 4.66 -6.14 6.41
CA ILE B 267 4.99 -5.85 7.80
C ILE B 267 5.96 -6.89 8.35
N ALA B 268 5.80 -8.15 7.96
CA ALA B 268 6.83 -9.15 8.28
C ALA B 268 8.19 -8.71 7.74
N GLY B 269 8.22 -8.20 6.50
CA GLY B 269 9.45 -7.67 5.96
C GLY B 269 10.00 -6.49 6.73
N LYS B 270 9.13 -5.66 7.28
CA LYS B 270 9.59 -4.55 8.12
C LYS B 270 10.25 -5.08 9.40
N ALA B 271 9.64 -6.08 10.03
CA ALA B 271 10.24 -6.72 11.19
C ALA B 271 11.63 -7.27 10.87
N VAL B 272 11.75 -7.97 9.75
CA VAL B 272 13.04 -8.52 9.33
C VAL B 272 14.07 -7.41 9.19
N ALA B 273 13.73 -6.36 8.46
CA ALA B 273 14.69 -5.28 8.20
C ALA B 273 15.02 -4.52 9.47
N PHE B 274 14.06 -4.40 10.39
CA PHE B 274 14.35 -3.66 11.61
C PHE B 274 15.38 -4.40 12.46
N LYS B 275 15.31 -5.73 12.50
CA LYS B 275 16.32 -6.48 13.25
C LYS B 275 17.68 -6.38 12.57
N GLU B 276 17.71 -6.40 11.24
CA GLU B 276 18.96 -6.18 10.51
C GLU B 276 19.56 -4.83 10.87
N ALA B 277 18.72 -3.80 10.98
CA ALA B 277 19.23 -2.46 11.33
C ALA B 277 19.66 -2.37 12.78
N LEU B 278 19.17 -3.26 13.65
CA LEU B 278 19.63 -3.30 15.03
C LEU B 278 21.00 -3.97 15.18
N ASP B 279 21.45 -4.71 14.17
CA ASP B 279 22.76 -5.32 14.20
C ASP B 279 23.86 -4.25 14.17
N PRO B 280 24.96 -4.44 14.92
CA PRO B 280 26.07 -3.47 14.88
C PRO B 280 26.64 -3.25 13.49
N ALA B 281 26.58 -4.25 12.63
CA ALA B 281 27.08 -4.07 11.27
C ALA B 281 26.29 -3.03 10.48
N PHE B 282 25.04 -2.75 10.87
CA PHE B 282 24.28 -1.71 10.18
C PHE B 282 24.90 -0.34 10.40
N LYS B 283 25.51 -0.12 11.57
CA LYS B 283 26.22 1.14 11.80
C LYS B 283 27.39 1.29 10.83
N GLU B 284 28.12 0.22 10.56
CA GLU B 284 29.27 0.31 9.65
C GLU B 284 28.82 0.54 8.21
N TYR B 285 27.73 -0.13 7.82
CA TYR B 285 27.10 0.15 6.53
C TYR B 285 26.73 1.62 6.42
N SER B 286 26.07 2.16 7.43
CA SER B 286 25.63 3.54 7.37
C SER B 286 26.81 4.51 7.34
N GLU B 287 27.88 4.20 8.09
CA GLU B 287 29.09 5.03 8.00
C GLU B 287 29.65 5.03 6.58
N GLN B 288 29.70 3.85 5.96
CA GLN B 288 30.23 3.74 4.60
C GLN B 288 29.37 4.48 3.59
N ILE B 289 28.05 4.52 3.79
CA ILE B 289 27.17 5.29 2.91
C ILE B 289 27.66 6.73 2.84
N ILE B 290 27.88 7.34 4.00
CA ILE B 290 28.27 8.74 4.05
C ILE B 290 29.68 8.93 3.51
N ALA B 291 30.61 8.04 3.89
CA ALA B 291 31.98 8.18 3.36
C ALA B 291 31.99 8.05 1.84
N ASN B 292 31.20 7.13 1.29
CA ASN B 292 31.08 7.02 -0.16
C ASN B 292 30.49 8.28 -0.77
N ALA B 293 29.44 8.84 -0.15
CA ALA B 293 28.83 10.05 -0.70
C ALA B 293 29.81 11.21 -0.70
N LYS B 294 30.54 11.39 0.40
CA LYS B 294 31.52 12.47 0.47
C LYS B 294 32.64 12.26 -0.55
N ALA B 295 33.07 11.01 -0.73
CA ALA B 295 34.09 10.73 -1.74
C ALA B 295 33.61 11.12 -3.14
N MET B 296 32.32 10.90 -3.44
CA MET B 296 31.80 11.27 -4.75
C MET B 296 31.70 12.78 -4.89
N VAL B 297 31.27 13.47 -3.85
CA VAL B 297 31.15 14.93 -3.90
C VAL B 297 32.49 15.56 -4.19
N LYS B 298 33.56 15.03 -3.59
CA LYS B 298 34.89 15.60 -3.83
C LYS B 298 35.25 15.54 -5.32
N VAL B 299 34.93 14.42 -5.98
CA VAL B 299 35.14 14.29 -7.42
C VAL B 299 34.27 15.28 -8.21
N PHE B 300 32.97 15.32 -7.90
CA PHE B 300 32.10 16.23 -8.63
C PHE B 300 32.49 17.69 -8.42
N ASN B 301 32.98 18.03 -7.22
CA ASN B 301 33.38 19.41 -6.96
C ASN B 301 34.56 19.81 -7.86
N GLN B 302 35.52 18.90 -8.07
CA GLN B 302 36.69 19.22 -8.88
C GLN B 302 36.34 19.31 -10.37
N ALA B 303 35.36 18.51 -10.82
CA ALA B 303 34.99 18.51 -12.23
C ALA B 303 34.15 19.74 -12.56
N ILE B 304 34.54 20.46 -13.60
CA ILE B 304 33.73 21.57 -14.07
C ILE B 304 32.59 21.03 -14.92
N GLY B 305 31.37 21.46 -14.60
CA GLY B 305 30.18 20.98 -15.27
C GLY B 305 29.22 20.25 -14.33
N THR B 306 29.74 19.59 -13.32
CA THR B 306 28.92 18.90 -12.32
C THR B 306 28.98 19.71 -11.03
N ARG B 307 28.06 20.66 -10.90
CA ARG B 307 28.06 21.54 -9.73
C ARG B 307 27.20 20.91 -8.62
N VAL B 308 27.84 20.59 -7.49
CA VAL B 308 27.13 20.02 -6.36
C VAL B 308 26.36 21.12 -5.63
N ILE B 309 25.05 20.93 -5.49
CA ILE B 309 24.23 21.89 -4.77
C ILE B 309 24.71 22.00 -3.34
N SER B 310 25.04 23.23 -2.92
CA SER B 310 25.62 23.58 -1.61
C SER B 310 27.07 23.14 -1.44
N GLY B 311 27.66 22.45 -2.42
CA GLY B 311 29.08 22.13 -2.42
C GLY B 311 29.53 21.01 -1.48
N ALA B 312 28.62 20.37 -0.76
CA ALA B 312 29.02 19.31 0.17
C ALA B 312 27.82 18.43 0.48
N THR B 313 28.10 17.25 1.03
CA THR B 313 27.07 16.39 1.58
C THR B 313 27.41 16.01 3.02
N ASP B 314 26.37 15.94 3.85
CA ASP B 314 26.48 15.36 5.19
C ASP B 314 25.81 14.00 5.28
N ASN B 315 25.11 13.57 4.24
CA ASN B 315 24.37 12.32 4.33
C ASN B 315 24.65 11.43 3.12
N HIS B 316 23.63 10.73 2.64
CA HIS B 316 23.77 9.72 1.60
C HIS B 316 23.65 10.28 0.19
N LEU B 317 23.31 11.55 0.01
CA LEU B 317 22.92 11.97 -1.33
C LEU B 317 23.58 13.29 -1.71
N MET B 318 23.50 13.58 -2.99
CA MET B 318 24.00 14.81 -3.58
C MET B 318 23.10 15.18 -4.74
N LEU B 319 22.94 16.49 -4.95
CA LEU B 319 22.19 17.05 -6.06
C LEU B 319 23.17 17.76 -6.98
N ILE B 320 23.10 17.47 -8.28
CA ILE B 320 24.09 17.97 -9.24
C ILE B 320 23.41 18.82 -10.29
N ASP B 321 23.75 20.11 -10.31
CA ASP B 321 23.34 21.05 -11.35
C ASP B 321 24.22 20.82 -12.58
N VAL B 322 23.63 20.38 -13.68
CA VAL B 322 24.37 19.96 -14.87
C VAL B 322 24.34 21.00 -15.98
N ARG B 323 23.77 22.18 -15.72
CA ARG B 323 23.53 23.14 -16.79
C ARG B 323 24.81 23.64 -17.45
N GLU B 324 25.92 23.76 -16.70
CA GLU B 324 27.13 24.26 -17.35
C GLU B 324 27.62 23.32 -18.44
N LEU B 325 27.17 22.06 -18.44
CA LEU B 325 27.47 21.12 -19.51
C LEU B 325 26.59 21.31 -20.74
N GLY B 326 25.68 22.28 -20.74
CA GLY B 326 24.81 22.50 -21.87
C GLY B 326 23.69 21.48 -22.03
N ILE B 327 23.31 20.79 -20.95
CA ILE B 327 22.23 19.82 -20.97
C ILE B 327 21.32 20.11 -19.79
N ASN B 328 20.13 19.49 -19.80
CA ASN B 328 19.24 19.57 -18.64
C ASN B 328 19.24 18.23 -17.92
N GLY B 329 18.44 18.14 -16.85
CA GLY B 329 18.49 16.95 -16.02
C GLY B 329 17.93 15.72 -16.73
N LYS B 330 16.92 15.91 -17.57
CA LYS B 330 16.35 14.80 -18.33
C LYS B 330 17.36 14.23 -19.31
N GLU B 331 18.09 15.09 -20.02
CA GLU B 331 19.12 14.65 -20.93
C GLU B 331 20.25 13.93 -20.20
N ALA B 332 20.65 14.44 -19.03
CA ALA B 332 21.69 13.78 -18.26
C ALA B 332 21.23 12.40 -17.80
N GLU B 333 20.00 12.30 -17.32
CA GLU B 333 19.47 11.01 -16.88
C GLU B 333 19.50 9.99 -18.01
N SER B 334 19.13 10.40 -19.22
CA SER B 334 19.07 9.43 -20.31
C SER B 334 20.46 9.15 -20.89
N ILE B 335 21.38 10.13 -20.84
CA ILE B 335 22.78 9.81 -21.16
C ILE B 335 23.30 8.73 -20.23
N LEU B 336 23.13 8.93 -18.91
CA LEU B 336 23.64 7.97 -17.94
C LEU B 336 22.95 6.61 -18.11
N ASP B 337 21.65 6.60 -18.37
CA ASP B 337 20.98 5.30 -18.49
C ASP B 337 21.52 4.52 -19.68
N SER B 338 21.90 5.23 -20.75
CA SER B 338 22.45 4.54 -21.92
C SER B 338 23.81 3.91 -21.64
N VAL B 339 24.50 4.30 -20.57
CA VAL B 339 25.73 3.63 -20.17
C VAL B 339 25.53 2.86 -18.87
N ASN B 340 24.29 2.46 -18.58
CA ASN B 340 23.96 1.57 -17.47
C ASN B 340 24.22 2.21 -16.11
N ILE B 341 24.05 3.52 -16.00
CA ILE B 341 24.09 4.23 -14.73
C ILE B 341 22.72 4.86 -14.52
N THR B 342 22.05 4.49 -13.43
CA THR B 342 20.65 4.84 -13.20
C THR B 342 20.55 5.90 -12.11
N VAL B 343 20.06 7.08 -12.49
CA VAL B 343 19.83 8.19 -11.57
C VAL B 343 18.40 8.64 -11.76
N ASN B 344 18.00 9.74 -11.11
CA ASN B 344 16.78 10.44 -11.54
C ASN B 344 17.07 11.91 -11.72
N LYS B 345 16.48 12.50 -12.77
CA LYS B 345 16.47 13.94 -12.93
C LYS B 345 15.74 14.54 -11.74
N ASN B 346 16.07 15.79 -11.42
CA ASN B 346 15.66 16.34 -10.13
C ASN B 346 15.75 17.86 -10.23
N SER B 347 14.73 18.54 -9.72
CA SER B 347 14.81 20.00 -9.63
C SER B 347 15.92 20.41 -8.66
N ILE B 348 16.46 21.58 -8.90
CA ILE B 348 17.47 22.17 -7.99
C ILE B 348 16.87 23.43 -7.40
N PRO B 349 17.44 23.95 -6.32
CA PRO B 349 16.89 25.16 -5.70
C PRO B 349 16.69 26.28 -6.72
N PHE B 350 15.53 26.92 -6.66
CA PHE B 350 15.16 28.02 -7.57
C PHE B 350 15.13 27.53 -9.02
N GLU B 351 14.78 26.26 -9.20
CA GLU B 351 14.63 25.63 -10.52
C GLU B 351 13.91 26.53 -11.51
N THR B 352 14.55 26.76 -12.65
CA THR B 352 13.99 27.61 -13.70
C THR B 352 13.38 26.81 -14.85
N LEU B 353 13.69 25.52 -14.98
CA LEU B 353 13.13 24.73 -16.05
C LEU B 353 11.88 24.00 -15.56
N SER B 354 11.16 23.42 -16.53
CA SER B 354 9.97 22.63 -16.22
C SER B 354 10.32 21.52 -15.24
N PRO B 355 9.39 21.15 -14.34
CA PRO B 355 9.68 20.07 -13.39
C PRO B 355 9.90 18.72 -14.06
N PHE B 356 9.61 18.61 -15.35
CA PHE B 356 9.85 17.39 -16.11
C PHE B 356 11.09 17.49 -16.99
N LYS B 357 11.76 18.64 -17.02
CA LYS B 357 13.09 18.76 -17.62
C LYS B 357 14.16 18.84 -16.54
N THR B 358 14.06 19.83 -15.66
CA THR B 358 14.92 20.05 -14.49
C THR B 358 16.33 20.43 -14.88
N SER B 359 17.04 21.07 -13.96
CA SER B 359 18.41 21.49 -14.16
C SER B 359 19.41 20.50 -13.60
N GLY B 360 18.95 19.41 -12.98
CA GLY B 360 19.86 18.61 -12.19
C GLY B 360 19.56 17.12 -12.23
N ILE B 361 20.46 16.38 -11.59
CA ILE B 361 20.24 14.97 -11.29
C ILE B 361 20.58 14.76 -9.82
N ARG B 362 19.97 13.74 -9.25
CA ARG B 362 20.19 13.35 -7.87
C ARG B 362 20.88 11.99 -7.84
N ILE B 363 21.90 11.88 -7.00
CA ILE B 363 22.71 10.68 -6.85
C ILE B 363 22.77 10.33 -5.37
N GLY B 364 22.66 9.04 -5.06
CA GLY B 364 22.84 8.59 -3.69
C GLY B 364 23.61 7.28 -3.65
N THR B 365 24.24 7.02 -2.50
CA THR B 365 25.08 5.85 -2.35
C THR B 365 24.53 4.61 -1.64
N PRO B 366 23.32 4.62 -1.02
CA PRO B 366 22.93 3.43 -0.24
C PRO B 366 22.95 2.13 -1.02
N ALA B 367 22.54 2.14 -2.30
CA ALA B 367 22.45 0.90 -3.06
C ALA B 367 23.84 0.36 -3.38
N ILE B 368 24.73 1.20 -3.91
CA ILE B 368 26.06 0.67 -4.24
C ILE B 368 26.81 0.31 -2.97
N THR B 369 26.57 1.03 -1.88
CA THR B 369 27.22 0.68 -0.62
C THR B 369 26.75 -0.69 -0.13
N THR B 370 25.47 -1.01 -0.33
CA THR B 370 24.96 -2.33 0.03
C THR B 370 25.63 -3.42 -0.79
N ARG B 371 25.98 -3.10 -2.04
CA ARG B 371 26.69 -4.08 -2.88
C ARG B 371 28.14 -4.30 -2.43
N GLY B 372 28.68 -3.44 -1.59
CA GLY B 372 30.03 -3.59 -1.08
C GLY B 372 31.00 -2.52 -1.54
N PHE B 373 30.57 -1.53 -2.32
CA PHE B 373 31.45 -0.46 -2.78
C PHE B 373 32.09 0.25 -1.60
N LYS B 374 33.40 0.50 -1.70
CA LYS B 374 34.12 1.30 -0.74
C LYS B 374 34.44 2.67 -1.35
N GLU B 375 35.16 3.50 -0.59
CA GLU B 375 35.42 4.86 -1.06
C GLU B 375 36.16 4.85 -2.40
N GLU B 376 37.10 3.92 -2.57
CA GLU B 376 37.81 3.78 -3.83
C GLU B 376 36.84 3.55 -4.99
N ASP B 377 35.85 2.68 -4.77
CA ASP B 377 34.88 2.35 -5.82
C ASP B 377 33.91 3.50 -6.06
N ALA B 378 33.50 4.17 -4.97
CA ALA B 378 32.65 5.35 -5.11
C ALA B 378 33.36 6.44 -5.90
N VAL B 379 34.66 6.64 -5.66
CA VAL B 379 35.41 7.60 -6.47
C VAL B 379 35.31 7.23 -7.95
N LYS B 380 35.45 5.95 -8.25
CA LYS B 380 35.41 5.52 -9.63
C LYS B 380 34.03 5.77 -10.25
N VAL B 381 32.96 5.53 -9.49
CA VAL B 381 31.61 5.82 -10.00
C VAL B 381 31.49 7.28 -10.39
N ALA B 382 31.89 8.18 -9.49
CA ALA B 382 31.77 9.60 -9.78
C ALA B 382 32.57 9.97 -11.01
N GLU B 383 33.78 9.39 -11.15
CA GLU B 383 34.58 9.65 -12.35
C GLU B 383 33.86 9.16 -13.62
N LEU B 384 33.23 7.98 -13.56
CA LEU B 384 32.47 7.51 -14.71
C LEU B 384 31.30 8.43 -15.03
N VAL B 385 30.61 8.92 -14.00
CA VAL B 385 29.49 9.83 -14.23
C VAL B 385 29.98 11.10 -14.89
N VAL B 386 31.08 11.68 -14.37
CA VAL B 386 31.64 12.87 -15.00
C VAL B 386 32.00 12.58 -16.45
N LYS B 387 32.65 11.45 -16.69
CA LYS B 387 33.11 11.14 -18.04
C LYS B 387 31.93 11.01 -19.01
N ALA B 388 30.86 10.31 -18.60
CA ALA B 388 29.70 10.15 -19.47
C ALA B 388 29.08 11.49 -19.82
N LEU B 389 28.91 12.37 -18.82
CA LEU B 389 28.23 13.65 -19.05
C LEU B 389 29.07 14.64 -19.84
N GLN B 390 30.40 14.56 -19.73
CA GLN B 390 31.30 15.39 -20.53
C GLN B 390 31.59 14.81 -21.90
N ALA B 391 31.15 13.59 -22.17
CA ALA B 391 31.59 12.92 -23.39
C ALA B 391 31.02 13.56 -24.66
N LYS B 392 29.97 14.38 -24.53
CA LYS B 392 29.26 14.98 -25.66
C LYS B 392 29.07 13.95 -26.77
N ASP B 393 28.59 12.78 -26.36
CA ASP B 393 28.22 11.67 -27.26
C ASP B 393 29.42 11.21 -28.10
N ASP B 394 30.58 11.08 -27.46
CA ASP B 394 31.75 10.43 -28.04
C ASP B 394 31.68 8.97 -27.62
N ASN B 395 31.39 8.08 -28.58
CA ASN B 395 31.08 6.70 -28.22
C ASN B 395 32.30 5.97 -27.67
N ALA B 396 33.51 6.38 -28.10
CA ALA B 396 34.70 5.87 -27.45
C ALA B 396 34.60 6.09 -25.94
N GLN B 397 34.31 7.33 -25.53
CA GLN B 397 34.25 7.63 -24.10
C GLN B 397 33.09 6.89 -23.42
N LEU B 398 31.92 6.88 -24.08
CA LEU B 398 30.74 6.23 -23.49
C LEU B 398 30.95 4.73 -23.31
N ASP B 399 31.61 4.08 -24.27
CA ASP B 399 31.90 2.66 -24.10
C ASP B 399 32.92 2.40 -23.01
N GLU B 400 33.88 3.31 -22.83
CA GLU B 400 34.78 3.17 -21.69
C GLU B 400 34.00 3.26 -20.39
N VAL B 401 32.99 4.13 -20.33
CA VAL B 401 32.17 4.19 -19.13
C VAL B 401 31.45 2.88 -18.92
N LYS B 402 30.89 2.30 -19.98
CA LYS B 402 30.19 1.02 -19.87
C LYS B 402 31.12 -0.08 -19.37
N THR B 403 32.39 -0.07 -19.81
CA THR B 403 33.37 -1.02 -19.29
C THR B 403 33.60 -0.80 -17.80
N GLY B 404 33.74 0.46 -17.38
CA GLY B 404 33.93 0.74 -15.97
C GLY B 404 32.77 0.29 -15.12
N VAL B 405 31.53 0.46 -15.63
CA VAL B 405 30.36 -0.03 -14.91
C VAL B 405 30.41 -1.54 -14.79
N ARG B 406 30.76 -2.22 -15.90
CA ARG B 406 30.84 -3.67 -15.88
C ARG B 406 31.95 -4.15 -14.96
N GLU B 407 33.09 -3.45 -14.94
CA GLU B 407 34.15 -3.78 -13.98
C GLU B 407 33.62 -3.70 -12.56
N LEU B 408 32.96 -2.59 -12.22
CA LEU B 408 32.46 -2.42 -10.86
C LEU B 408 31.38 -3.44 -10.52
N THR B 409 30.40 -3.66 -11.42
CA THR B 409 29.33 -4.59 -11.06
C THR B 409 29.85 -6.01 -10.92
N GLU B 410 30.87 -6.40 -11.69
CA GLU B 410 31.45 -7.73 -11.52
C GLU B 410 32.29 -7.82 -10.26
N LYS B 411 33.01 -6.73 -9.92
CA LYS B 411 33.73 -6.72 -8.65
C LYS B 411 32.78 -6.86 -7.48
N PHE B 412 31.54 -6.38 -7.61
CA PHE B 412 30.58 -6.37 -6.51
C PHE B 412 29.25 -6.97 -6.94
N PRO B 413 29.19 -8.28 -7.15
CA PRO B 413 27.94 -8.91 -7.56
C PRO B 413 26.89 -8.89 -6.47
N LEU B 414 25.62 -9.04 -6.89
CA LEU B 414 24.51 -9.15 -5.95
C LEU B 414 24.44 -10.55 -5.34
N HIS B 415 23.78 -10.62 -4.17
CA HIS B 415 23.67 -11.84 -3.34
C HIS B 415 24.90 -12.75 -3.37
CAB 5M5 C . -16.66 -6.32 13.47
CAC 5M5 C . -16.75 -5.19 12.44
CAD 5M5 C . -16.81 -3.88 12.85
CBA 5M5 C . -16.49 -6.28 8.41
CBB 5M5 C . -14.99 -6.62 8.59
CBC 5M5 C . -16.89 -6.77 7.02
CBD 5M5 C . -16.77 -5.49 11.10
CAE 5M5 C . -16.88 -2.86 11.92
CAF 5M5 C . -16.99 -1.42 12.42
CAG 5M5 C . -16.42 -1.05 13.54
CAH 5M5 C . -16.59 0.39 14.04
CAI 5M5 C . -17.33 1.24 13.36
CAJ 5M5 C . -18.03 0.79 12.08
CAK 5M5 C . -17.88 -0.44 11.65
CAL 5M5 C . -16.90 -3.16 10.56
CAM 5M5 C . -16.82 -4.48 10.14
CAN 5M5 C . -16.87 -4.80 8.67
CAO 5M5 C . -16.04 -3.77 7.85
CAP 5M5 C . -14.84 -3.20 7.91
CAQ 5M5 C . -13.74 -3.48 8.96
CAT 5M5 C . -16.69 -3.15 6.66
CAV 5M5 C . -18.75 -4.23 6.84
CAX 5M5 C . -18.36 -4.62 8.24
CAY 5M5 C . -19.46 -5.02 9.20
NAR 5M5 C . -14.63 -2.34 6.94
NAS 5M5 C . -15.73 -2.24 6.12
NAW 5M5 C . -20.17 -3.95 6.64
NAZ 5M5 C . -20.27 -5.26 9.95
OAA 5M5 C . -16.41 -5.77 14.73
OAU 5M5 C . -17.94 -3.40 6.18
N PLS D . -13.54 -5.41 2.78
CA PLS D . -13.16 -6.07 4.03
CB PLS D . -13.28 -5.13 5.22
OG PLS D . -12.40 -4.00 5.10
C PLS D . -14.04 -7.31 4.22
O PLS D . -15.01 -7.40 3.44
OXT PLS D . -13.74 -8.12 5.12
N1 PLS D . -14.26 -2.02 -0.82
C2 PLS D . -14.92 -3.12 -0.46
C2A PLS D . -16.24 -3.41 -1.10
C3 PLS D . -14.39 -3.97 0.53
O3 PLS D . -15.10 -5.07 0.89
C4 PLS D . -13.15 -3.66 1.12
C4A PLS D . -12.55 -4.54 2.17
C5 PLS D . -12.47 -2.50 0.70
C6 PLS D . -13.06 -1.72 -0.26
C5A PLS D . -11.18 -2.10 1.34
O4P PLS D . -10.04 -2.85 0.79
P PLS D . -8.61 -2.77 1.54
O1P PLS D . -7.66 -3.35 0.51
O2P PLS D . -8.75 -3.62 2.80
O3P PLS D . -8.37 -1.30 1.86
CAB 5M5 E . 11.30 14.34 -12.13
CAC 5M5 E . 10.49 14.78 -10.90
CAD 5M5 E . 9.30 15.50 -11.00
CBA 5M5 E . 12.00 13.38 -7.20
CBB 5M5 E . 11.61 11.98 -7.69
CBC 5M5 E . 12.68 13.24 -5.84
CBD 5M5 E . 10.98 14.45 -9.65
CAE 5M5 E . 8.62 15.85 -9.83
CAF 5M5 E . 7.32 16.64 -9.89
CAG 5M5 E . 6.49 16.51 -10.90
CAH 5M5 E . 5.19 17.34 -10.92
CAI 5M5 E . 4.92 18.19 -9.96
CAJ 5M5 E . 5.89 18.35 -8.80
CAK 5M5 E . 7.00 17.63 -8.78
CAL 5M5 E . 9.11 15.49 -8.58
CAM 5M5 E . 10.29 14.78 -8.48
CAN 5M5 E . 10.84 14.42 -7.12
CAO 5M5 E . 9.70 13.95 -6.15
CAP 5M5 E . 8.66 13.12 -6.19
CAQ 5M5 E . 8.19 12.25 -7.36
CAT 5M5 E . 9.69 14.56 -4.80
CAV 5M5 E . 11.21 16.20 -5.18
CAX 5M5 E . 11.48 15.72 -6.55
CAY 5M5 E . 12.17 16.65 -7.51
NAR 5M5 E . 7.99 13.12 -5.05
NAS 5M5 E . 8.55 13.98 -4.15
NAW 5M5 E . 12.13 17.16 -4.61
NAZ 5M5 E . 12.76 17.32 -8.21
OAA 5M5 E . 10.91 14.98 -13.29
OAU 5M5 E . 10.56 15.46 -4.30
N PLS F . 10.68 9.89 -1.87
CA PLS F . 10.86 9.61 -3.29
CB PLS F . 9.97 10.49 -4.15
OG PLS F . 8.59 10.19 -3.97
C PLS F . 12.33 9.83 -3.67
O PLS F . 12.77 9.24 -4.67
OXT PLS F . 12.95 10.61 -2.94
N1 PLS F . 8.66 11.34 2.44
C2 PLS F . 9.86 11.50 1.86
C2A PLS F . 10.88 12.37 2.51
C3 PLS F . 10.14 10.86 0.65
O3 PLS F . 11.38 11.07 0.11
C4 PLS F . 9.17 10.05 0.04
C4A PLS F . 9.45 9.37 -1.26
C5 PLS F . 7.92 9.90 0.67
C6 PLS F . 7.73 10.57 1.86
C5A PLS F . 6.83 9.08 0.03
O4P PLS F . 7.07 7.64 0.13
P PLS F . 6.24 6.60 -0.81
O1P PLS F . 4.79 7.08 -0.79
O2P PLS F . 6.44 5.25 -0.13
O3P PLS F . 6.88 6.68 -2.18
#